data_8EFB
#
_entry.id   8EFB
#
_cell.length_a   1.00
_cell.length_b   1.00
_cell.length_c   1.00
_cell.angle_alpha   90.00
_cell.angle_beta   90.00
_cell.angle_gamma   90.00
#
_symmetry.space_group_name_H-M   'P 1'
#
loop_
_entity.id
_entity.type
_entity.pdbx_description
1 polymer 'Mu-type opioid receptor'
2 polymer 'Guanine nucleotide-binding protein G(i) subunit alpha-1'
3 polymer 'Guanine nucleotide-binding protein G(I)/G(S)/G(T) subunit beta-1'
4 polymer 'Guanine nucleotide-binding protein G(I)/G(S)/G(O) subunit gamma-2'
5 polymer scFv16
6 non-polymer N-[(3-methoxythiophen-2-yl)methyl]-2-[(9R)-9-(pyridin-2-yl)-6-oxaspiro[4.5]decan-9-yl]ethan-1-amine
#
loop_
_entity_poly.entity_id
_entity_poly.type
_entity_poly.pdbx_seq_one_letter_code
_entity_poly.pdbx_strand_id
1 'polypeptide(L)'
;DSSAAPTNASNCTDALAYSSCSPAPSPGSWVNLSHLDGNLSDPCGPNRTDLGGRDSLCPPTGSPSMITAITIMALYSIVC
VVGLFGNFLVMYVIVRYTKMKTATNIYIFNLALADALATSTLPFQSVNYLMGTWPFGTILCKIVISIDYYNMFTSIWTLC
TMSVDRYIAVCHPVKALDFRTPRNAKIINVCNWILSSAIGLPVMFMATTKYRQGSIDCTLTFSHPTWYWENLLKICVFIF
AFIMPVLIITVCYGLMILRLKSVRMLSGSKEKDRNLRRITRMVLVVVAVFIVCWTPIHIYVIIKALVTIPETTFQTVSWH
FCIALGYTNSCLNPVLYAFLDENFKRCFREFCIPTSSNIEQQNSTRI
;
R
2 'polypeptide(L)'
;MGCTLSAEDKAAVERSKMIDRNLREDGEKAAREVKLLLLGAGESGKSTIVKQMKIIHEAGYSEEECKQYKAVVYSNTIQS
IIAIIRAMGRLKIDFGDSARADDARQLFVLAGAAEEGFMTAELAGVIKRLWKDSGVQACFNRSREYQLNDSAAYYLNDLD
RIAQPNYIPTQQDVLRTRVKTTGIVETHFTFKDLHFKMFDVGAQRSERKKWIHCFEGVTAIIFCVALSDYDLVLAEDEEM
NRMHESMKLFDSICNNKWFTDTSIILFLNKKDLFEEKIKKSPLTICYPEYAGSNTYEEAAAYIQCQFEDLNKRKDTKEIY
THFTCSTDTKNVQFVFDAVTDVIIKNNLKDCGLF
;
A
3 'polypeptide(L)'
;MHHHHHHHHGSLLQSELDQLRQEAEQLKNQIRDARKACADATLSQITNNIDPVGRIQMRTRRTLRGHLAKIYAMHWGTDS
RLLVSASQDGKLIIWDSYTTNKVHAIPLRSSWVMTCAYAPSGNYVACGGLDNICSIYNLKTREGNVRVSRELAGHTGYLS
CCRFLDDNQIVTSSGDTTCALWDIETGQQTTTFTGHTGDVMSLSLAPDTRLFVSGACDASAKLWDVREGMCRQTFTGHES
DINAICFFPNGNAFATGSDDATCRLFDLRADQELMTYSHDNIICGITSVSFSKSGRLLLAGYDDFNCNVWDALKADRAGV
LAGHDNRVSCLGVTDDGMAVATGSWDSFLKIWN
;
B
4 'polypeptide(L)' MASNNTASIAQARKLVEQLKMEANIDRIKVSKAAADLMAYCEAHAKEDPLLTPVPASENPFREKKFFC C
5 'polypeptide(L)'
;MVQLVESGGGLVQPGGSRKLSCSASGFAFSSFGMHWVRQAPEKGLEWVAYISSGSGTIYYADTVKGRFTISRDDPKNTLF
LQMTSLRSEDTAMYYCVRSIYYYGSSPFDFWGQGTTLTVSAGGGGSGGGGSGGGGSADIVMTQATSSVPVTPGESVSISC
RSSKSLLHSNGNTYLYWFLQRPGQSPQLLIYRMSNLASGVPDRFSGSGSGTAFTLTISRLEAEDVGVYYCMQHLEYPLTF
GAGTKLEL
;
E
#
# COMPACT_ATOMS: atom_id res chain seq x y z
N THR A 68 3.38 -47.94 39.88
CA THR A 68 2.96 -46.62 40.37
C THR A 68 3.86 -45.52 39.81
N ALA A 69 5.14 -45.58 40.16
CA ALA A 69 6.12 -44.60 39.69
C ALA A 69 6.26 -44.63 38.16
N ILE A 70 6.28 -45.83 37.58
CA ILE A 70 6.40 -45.99 36.14
C ILE A 70 5.19 -45.37 35.43
N THR A 71 3.99 -45.55 35.98
CA THR A 71 2.78 -44.97 35.40
C THR A 71 2.82 -43.44 35.42
N ILE A 72 3.27 -42.86 36.54
CA ILE A 72 3.39 -41.41 36.66
C ILE A 72 4.43 -40.88 35.68
N MET A 73 5.57 -41.58 35.55
CA MET A 73 6.61 -41.19 34.60
C MET A 73 6.09 -41.25 33.17
N ALA A 74 5.32 -42.29 32.84
CA ALA A 74 4.71 -42.42 31.52
C ALA A 74 3.73 -41.28 31.25
N LEU A 75 2.94 -40.92 32.26
CA LEU A 75 1.98 -39.82 32.13
C LEU A 75 2.70 -38.50 31.86
N TYR A 76 3.76 -38.21 32.62
CA TYR A 76 4.54 -36.99 32.40
C TYR A 76 5.19 -37.01 31.02
N SER A 77 5.68 -38.17 30.58
CA SER A 77 6.30 -38.33 29.27
C SER A 77 5.32 -38.01 28.15
N ILE A 78 4.19 -38.72 28.12
CA ILE A 78 3.12 -38.51 27.13
C ILE A 78 2.67 -37.05 27.09
N VAL A 79 2.46 -36.44 28.27
CA VAL A 79 2.02 -35.04 28.33
C VAL A 79 3.08 -34.12 27.75
N CYS A 80 4.36 -34.37 28.07
CA CYS A 80 5.46 -33.57 27.53
C CYS A 80 5.56 -33.70 26.01
N VAL A 81 5.44 -34.92 25.49
CA VAL A 81 5.56 -35.15 24.04
C VAL A 81 4.44 -34.44 23.29
N VAL A 82 3.20 -34.60 23.76
CA VAL A 82 2.05 -33.96 23.13
C VAL A 82 2.17 -32.44 23.23
N GLY A 83 2.63 -31.95 24.38
CA GLY A 83 2.75 -30.50 24.57
C GLY A 83 3.81 -29.89 23.67
N LEU A 84 4.99 -30.52 23.61
CA LEU A 84 6.06 -30.03 22.75
C LEU A 84 5.64 -30.08 21.28
N PHE A 85 4.99 -31.17 20.86
CA PHE A 85 4.55 -31.31 19.47
C PHE A 85 3.54 -30.22 19.11
N GLY A 86 2.54 -30.04 19.97
CA GLY A 86 1.52 -29.02 19.72
C GLY A 86 2.08 -27.62 19.70
N ASN A 87 2.86 -27.25 20.72
CA ASN A 87 3.43 -25.92 20.83
C ASN A 87 4.36 -25.57 19.67
N PHE A 88 5.29 -26.49 19.35
CA PHE A 88 6.22 -26.28 18.25
C PHE A 88 5.47 -26.17 16.92
N LEU A 89 4.51 -27.08 16.68
CA LEU A 89 3.73 -27.05 15.45
C LEU A 89 2.95 -25.74 15.30
N VAL A 90 2.33 -25.27 16.39
CA VAL A 90 1.57 -24.01 16.35
C VAL A 90 2.49 -22.83 16.04
N MET A 91 3.67 -22.79 16.67
CA MET A 91 4.63 -21.72 16.43
C MET A 91 5.11 -21.75 14.98
N TYR A 92 5.38 -22.96 14.47
CA TYR A 92 5.83 -23.15 13.08
C TYR A 92 4.77 -22.67 12.10
N VAL A 93 3.50 -23.00 12.35
CA VAL A 93 2.40 -22.59 11.48
C VAL A 93 2.28 -21.07 11.47
N ILE A 94 2.38 -20.44 12.65
CA ILE A 94 2.29 -18.98 12.73
C ILE A 94 3.42 -18.31 11.97
N VAL A 95 4.66 -18.79 12.14
CA VAL A 95 5.81 -18.20 11.47
C VAL A 95 5.74 -18.39 9.95
N ARG A 96 5.38 -19.60 9.49
CA ARG A 96 5.37 -19.91 8.06
C ARG A 96 4.32 -19.13 7.25
N TYR A 97 3.10 -19.03 7.76
CA TYR A 97 2.04 -18.42 6.95
C TYR A 97 1.53 -17.09 7.51
N THR A 98 1.17 -17.06 8.79
CA THR A 98 0.63 -15.86 9.41
C THR A 98 1.62 -14.70 9.45
N LYS A 99 2.92 -15.00 9.61
CA LYS A 99 4.02 -14.03 9.73
C LYS A 99 3.82 -13.03 10.89
N MET A 100 2.95 -13.36 11.85
CA MET A 100 2.63 -12.55 13.04
C MET A 100 2.14 -11.16 12.67
N LYS A 101 1.34 -11.08 11.60
CA LYS A 101 0.80 -9.79 11.15
C LYS A 101 -0.21 -9.24 12.14
N THR A 102 -1.09 -10.08 12.67
CA THR A 102 -2.22 -9.64 13.46
C THR A 102 -1.91 -9.74 14.96
N ALA A 103 -2.71 -9.05 15.77
CA ALA A 103 -2.58 -9.07 17.23
C ALA A 103 -2.81 -10.46 17.82
N THR A 104 -4.03 -11.00 17.65
CA THR A 104 -4.47 -12.30 18.14
C THR A 104 -3.48 -13.44 17.88
N ASN A 105 -2.89 -13.41 16.68
CA ASN A 105 -1.87 -14.38 16.32
C ASN A 105 -0.59 -14.21 17.15
N ILE A 106 -0.23 -12.96 17.48
CA ILE A 106 0.91 -12.72 18.37
C ILE A 106 0.61 -13.29 19.76
N TYR A 107 -0.63 -13.09 20.23
CA TYR A 107 -1.04 -13.65 21.53
C TYR A 107 -0.96 -15.17 21.52
N ILE A 108 -1.38 -15.79 20.42
CA ILE A 108 -1.34 -17.25 20.27
C ILE A 108 0.10 -17.73 20.30
N PHE A 109 0.98 -17.03 19.56
CA PHE A 109 2.41 -17.35 19.53
C PHE A 109 3.02 -17.24 20.93
N ASN A 110 2.63 -16.20 21.68
CA ASN A 110 3.11 -16.00 23.05
C ASN A 110 2.68 -17.16 23.94
N LEU A 111 1.41 -17.57 23.82
CA LEU A 111 0.88 -18.67 24.62
C LEU A 111 1.60 -19.98 24.28
N ALA A 112 1.82 -20.22 22.98
CA ALA A 112 2.51 -21.41 22.51
C ALA A 112 3.94 -21.44 23.02
N LEU A 113 4.62 -20.28 23.00
CA LEU A 113 5.99 -20.17 23.48
C LEU A 113 6.09 -20.55 24.95
N ALA A 114 5.31 -19.86 25.80
CA ALA A 114 5.31 -20.13 27.25
C ALA A 114 4.99 -21.59 27.55
N ASP A 115 3.99 -22.15 26.85
CA ASP A 115 3.62 -23.55 27.05
C ASP A 115 4.73 -24.49 26.58
N ALA A 116 5.43 -24.13 25.49
CA ALA A 116 6.54 -24.95 25.00
C ALA A 116 7.67 -25.00 26.00
N LEU A 117 7.97 -23.86 26.62
CA LEU A 117 8.98 -23.81 27.68
C LEU A 117 8.57 -24.66 28.88
N ALA A 118 7.31 -24.56 29.31
CA ALA A 118 6.83 -25.36 30.44
C ALA A 118 6.89 -26.86 30.14
N THR A 119 6.49 -27.27 28.93
CA THR A 119 6.61 -28.67 28.55
C THR A 119 8.07 -29.11 28.48
N SER A 120 8.96 -28.21 28.03
CA SER A 120 10.40 -28.49 28.03
C SER A 120 10.93 -28.68 29.45
N THR A 121 10.29 -28.05 30.43
CA THR A 121 10.69 -28.14 31.82
C THR A 121 10.03 -29.34 32.52
N LEU A 122 9.03 -29.93 31.88
CA LEU A 122 8.36 -31.11 32.44
C LEU A 122 9.22 -32.38 32.60
N PRO A 123 10.12 -32.78 31.65
CA PRO A 123 10.92 -34.01 31.88
C PRO A 123 11.80 -33.98 33.10
N PHE A 124 12.37 -32.82 33.45
CA PHE A 124 13.22 -32.71 34.63
C PHE A 124 12.42 -33.07 35.88
N GLN A 125 11.17 -32.61 35.97
CA GLN A 125 10.30 -32.94 37.09
C GLN A 125 10.01 -34.44 37.11
N SER A 126 9.76 -35.03 35.93
CA SER A 126 9.49 -36.47 35.87
C SER A 126 10.71 -37.28 36.33
N VAL A 127 11.90 -36.87 35.90
CA VAL A 127 13.15 -37.53 36.29
C VAL A 127 13.35 -37.41 37.80
N ASN A 128 13.02 -36.24 38.36
CA ASN A 128 13.13 -36.03 39.81
C ASN A 128 12.19 -36.98 40.55
N TYR A 129 10.97 -37.15 40.05
CA TYR A 129 10.01 -38.05 40.68
C TYR A 129 10.49 -39.50 40.63
N LEU A 130 11.04 -39.93 39.49
CA LEU A 130 11.47 -41.32 39.36
C LEU A 130 12.72 -41.59 40.17
N MET A 131 13.81 -40.87 39.87
CA MET A 131 15.08 -40.98 40.57
C MET A 131 14.94 -40.85 42.09
N GLY A 132 14.10 -39.92 42.53
CA GLY A 132 13.91 -39.67 43.94
C GLY A 132 14.88 -38.67 44.51
N THR A 133 15.78 -38.16 43.67
CA THR A 133 16.77 -37.17 44.07
C THR A 133 17.08 -36.32 42.85
N TRP A 134 17.61 -35.11 43.09
CA TRP A 134 17.94 -34.19 42.02
C TRP A 134 19.44 -34.24 41.76
N PRO A 135 19.91 -34.88 40.68
CA PRO A 135 21.35 -34.91 40.39
C PRO A 135 21.84 -33.82 39.47
N PHE A 136 20.91 -33.02 38.91
CA PHE A 136 21.26 -31.96 37.98
C PHE A 136 22.12 -30.87 38.63
N GLY A 137 21.80 -30.51 39.86
CA GLY A 137 22.54 -29.49 40.59
C GLY A 137 21.66 -28.29 40.93
N THR A 138 22.23 -27.44 41.79
CA THR A 138 21.52 -26.26 42.28
C THR A 138 21.22 -25.25 41.17
N ILE A 139 22.19 -24.99 40.29
CA ILE A 139 22.01 -24.01 39.22
C ILE A 139 20.90 -24.43 38.25
N LEU A 140 20.90 -25.70 37.82
CA LEU A 140 19.87 -26.19 36.92
C LEU A 140 18.52 -26.20 37.62
N CYS A 141 18.51 -26.54 38.92
CA CYS A 141 17.28 -26.51 39.72
C CYS A 141 16.68 -25.10 39.73
N LYS A 142 17.54 -24.07 39.86
CA LYS A 142 17.08 -22.69 39.87
C LYS A 142 16.48 -22.33 38.51
N ILE A 143 17.17 -22.74 37.44
CA ILE A 143 16.71 -22.47 36.09
C ILE A 143 15.35 -23.13 35.83
N VAL A 144 15.20 -24.39 36.29
CA VAL A 144 13.98 -25.17 36.10
C VAL A 144 12.82 -24.53 36.86
N ILE A 145 13.06 -24.14 38.13
CA ILE A 145 12.03 -23.52 38.96
C ILE A 145 11.55 -22.21 38.33
N SER A 146 12.50 -21.29 38.07
CA SER A 146 12.19 -19.99 37.48
C SER A 146 11.42 -20.11 36.18
N ILE A 147 11.90 -20.95 35.27
CA ILE A 147 11.25 -21.12 33.99
C ILE A 147 9.84 -21.69 34.16
N ASP A 148 9.66 -22.67 35.05
CA ASP A 148 8.33 -23.26 35.25
C ASP A 148 7.31 -22.26 35.82
N TYR A 149 7.70 -21.52 36.86
CA TYR A 149 6.82 -20.51 37.45
C TYR A 149 6.53 -19.38 36.48
N TYR A 150 7.58 -18.96 35.76
CA TYR A 150 7.49 -17.89 34.78
C TYR A 150 6.52 -18.26 33.67
N ASN A 151 6.60 -19.51 33.19
CA ASN A 151 5.69 -19.99 32.16
C ASN A 151 4.26 -20.04 32.65
N MET A 152 4.06 -20.51 33.89
CA MET A 152 2.70 -20.61 34.43
C MET A 152 2.03 -19.25 34.50
N PHE A 153 2.77 -18.26 35.02
CA PHE A 153 2.25 -16.90 35.10
C PHE A 153 2.05 -16.29 33.71
N THR A 154 3.02 -16.48 32.80
CA THR A 154 2.93 -15.92 31.45
C THR A 154 1.75 -16.50 30.69
N SER A 155 1.54 -17.82 30.76
CA SER A 155 0.43 -18.46 30.07
C SER A 155 -0.91 -17.99 30.64
N ILE A 156 -1.02 -17.91 31.97
CA ILE A 156 -2.25 -17.47 32.62
C ILE A 156 -2.58 -16.02 32.27
N TRP A 157 -1.55 -15.16 32.24
CA TRP A 157 -1.79 -13.75 31.92
C TRP A 157 -2.12 -13.59 30.43
N THR A 158 -1.41 -14.33 29.57
CA THR A 158 -1.71 -14.31 28.13
C THR A 158 -3.18 -14.67 27.88
N LEU A 159 -3.69 -15.69 28.61
CA LEU A 159 -5.10 -16.07 28.49
C LEU A 159 -6.01 -14.94 28.96
N CYS A 160 -5.62 -14.25 30.04
CA CYS A 160 -6.38 -13.12 30.55
C CYS A 160 -6.44 -12.00 29.52
N THR A 161 -5.28 -11.60 29.03
CA THR A 161 -5.14 -10.56 28.01
C THR A 161 -5.96 -10.87 26.76
N MET A 162 -5.97 -12.14 26.33
CA MET A 162 -6.81 -12.51 25.19
C MET A 162 -8.29 -12.36 25.49
N SER A 163 -8.70 -12.74 26.72
CA SER A 163 -10.09 -12.54 27.13
C SER A 163 -10.47 -11.07 27.14
N VAL A 164 -9.57 -10.21 27.64
CA VAL A 164 -9.80 -8.77 27.68
C VAL A 164 -9.87 -8.19 26.27
N ASP A 165 -8.95 -8.61 25.39
CA ASP A 165 -8.95 -8.21 23.98
C ASP A 165 -10.27 -8.54 23.30
N ARG A 166 -10.76 -9.78 23.47
CA ARG A 166 -12.02 -10.18 22.87
C ARG A 166 -13.20 -9.41 23.48
N TYR A 167 -13.12 -9.11 24.78
CA TYR A 167 -14.13 -8.28 25.44
C TYR A 167 -14.19 -6.88 24.84
N ILE A 168 -13.03 -6.27 24.64
CA ILE A 168 -12.96 -4.92 24.06
C ILE A 168 -13.46 -4.94 22.62
N ALA A 169 -13.12 -6.00 21.87
CA ALA A 169 -13.53 -6.11 20.48
C ALA A 169 -15.04 -6.23 20.34
N VAL A 170 -15.66 -7.12 21.11
CA VAL A 170 -17.10 -7.34 20.99
C VAL A 170 -17.89 -6.20 21.62
N CYS A 171 -17.59 -5.88 22.89
CA CYS A 171 -18.41 -4.92 23.63
C CYS A 171 -18.19 -3.48 23.18
N HIS A 172 -16.98 -3.12 22.77
CA HIS A 172 -16.63 -1.75 22.40
C HIS A 172 -16.17 -1.76 20.95
N PRO A 173 -17.09 -1.82 19.98
CA PRO A 173 -16.70 -1.91 18.56
C PRO A 173 -15.99 -0.67 18.02
N VAL A 174 -16.47 0.52 18.40
CA VAL A 174 -15.88 1.77 17.91
C VAL A 174 -14.45 1.90 18.42
N LYS A 175 -14.24 1.64 19.71
CA LYS A 175 -12.92 1.73 20.31
C LYS A 175 -12.04 0.52 20.01
N ALA A 176 -12.62 -0.57 19.47
CA ALA A 176 -11.82 -1.75 19.14
C ALA A 176 -10.78 -1.45 18.07
N LEU A 177 -11.13 -0.62 17.10
CA LEU A 177 -10.20 -0.25 16.04
C LEU A 177 -9.00 0.50 16.60
N ASP A 178 -9.24 1.45 17.50
CA ASP A 178 -8.15 2.22 18.09
C ASP A 178 -7.30 1.38 19.05
N PHE A 179 -7.96 0.65 19.96
CA PHE A 179 -7.22 -0.12 20.97
C PHE A 179 -6.49 -1.32 20.37
N ARG A 180 -7.07 -1.96 19.36
CA ARG A 180 -6.54 -3.22 18.84
C ARG A 180 -5.66 -2.92 17.65
N THR A 181 -4.35 -3.08 17.83
CA THR A 181 -3.32 -2.93 16.79
C THR A 181 -2.22 -3.93 17.13
N PRO A 182 -1.41 -4.32 16.13
CA PRO A 182 -0.28 -5.23 16.44
C PRO A 182 0.74 -4.62 17.39
N ARG A 183 1.00 -3.32 17.25
CA ARG A 183 1.94 -2.60 18.12
C ARG A 183 1.50 -2.66 19.58
N ASN A 184 0.22 -2.36 19.83
CA ASN A 184 -0.30 -2.39 21.19
C ASN A 184 -0.29 -3.79 21.77
N ALA A 185 -0.59 -4.80 20.94
CA ALA A 185 -0.54 -6.19 21.39
C ALA A 185 0.88 -6.59 21.77
N LYS A 186 1.87 -6.14 21.00
CA LYS A 186 3.26 -6.41 21.32
C LYS A 186 3.65 -5.76 22.65
N ILE A 187 3.20 -4.51 22.87
CA ILE A 187 3.48 -3.80 24.10
C ILE A 187 2.89 -4.53 25.31
N ILE A 188 1.61 -4.92 25.21
CA ILE A 188 0.94 -5.63 26.30
C ILE A 188 1.61 -6.98 26.58
N ASN A 189 2.02 -7.69 25.51
CA ASN A 189 2.69 -8.98 25.69
C ASN A 189 4.02 -8.80 26.43
N VAL A 190 4.79 -7.75 26.06
CA VAL A 190 6.05 -7.45 26.73
C VAL A 190 5.79 -7.14 28.20
N CYS A 191 4.70 -6.40 28.47
CA CYS A 191 4.31 -6.07 29.84
C CYS A 191 3.99 -7.34 30.62
N ASN A 192 3.32 -8.31 29.98
CA ASN A 192 2.98 -9.57 30.63
C ASN A 192 4.25 -10.32 31.02
N TRP A 193 5.25 -10.35 30.12
CA TRP A 193 6.52 -11.00 30.42
C TRP A 193 7.23 -10.31 31.58
N ILE A 194 7.15 -8.96 31.60
CA ILE A 194 7.78 -8.17 32.66
C ILE A 194 7.12 -8.47 34.00
N LEU A 195 5.79 -8.35 34.07
CA LEU A 195 5.04 -8.68 35.28
C LEU A 195 5.37 -10.08 35.79
N SER A 196 5.49 -11.06 34.87
CA SER A 196 5.83 -12.43 35.26
C SER A 196 7.23 -12.52 35.88
N SER A 197 8.19 -11.75 35.34
CA SER A 197 9.56 -11.68 35.85
C SER A 197 9.62 -11.49 37.36
N ALA A 198 8.83 -10.52 37.88
CA ALA A 198 8.71 -10.21 39.31
C ALA A 198 8.38 -11.44 40.15
N ILE A 199 7.68 -12.41 39.57
CA ILE A 199 7.35 -13.67 40.21
C ILE A 199 8.55 -14.61 40.09
N GLY A 200 8.94 -14.92 38.85
CA GLY A 200 9.95 -15.95 38.59
C GLY A 200 11.34 -15.71 39.17
N LEU A 201 11.87 -14.49 39.02
CA LEU A 201 13.26 -14.23 39.45
C LEU A 201 13.50 -14.37 40.97
N PRO A 202 12.68 -13.79 41.89
CA PRO A 202 12.94 -14.02 43.32
C PRO A 202 12.80 -15.47 43.72
N VAL A 203 11.81 -16.13 43.11
CA VAL A 203 11.58 -17.55 43.32
C VAL A 203 12.82 -18.32 42.85
N MET A 204 13.43 -17.88 41.75
CA MET A 204 14.64 -18.53 41.23
C MET A 204 15.80 -18.47 42.21
N PHE A 205 16.09 -17.28 42.79
CA PHE A 205 17.20 -17.27 43.75
C PHE A 205 16.86 -18.06 45.02
N MET A 206 15.61 -17.97 45.47
CA MET A 206 15.20 -18.71 46.68
C MET A 206 15.27 -20.22 46.49
N ALA A 207 14.88 -20.73 45.32
CA ALA A 207 14.88 -22.17 45.00
C ALA A 207 16.25 -22.83 45.10
N THR A 208 16.43 -23.77 46.03
CA THR A 208 17.68 -24.50 46.18
C THR A 208 17.42 -26.00 46.22
N THR A 209 18.48 -26.75 46.48
CA THR A 209 18.47 -28.21 46.57
C THR A 209 18.90 -28.62 47.98
N LYS A 210 17.94 -29.09 48.78
CA LYS A 210 18.20 -29.52 50.14
C LYS A 210 18.03 -31.03 50.26
N TYR A 211 19.06 -31.70 50.79
CA TYR A 211 18.98 -33.15 50.95
C TYR A 211 18.20 -33.47 52.22
N ARG A 212 17.13 -34.25 52.05
CA ARG A 212 16.28 -34.69 53.15
C ARG A 212 16.24 -36.22 53.12
N GLN A 213 16.59 -36.84 54.25
CA GLN A 213 16.59 -38.30 54.45
C GLN A 213 17.45 -39.00 53.38
N GLY A 214 18.57 -38.37 53.04
CA GLY A 214 19.48 -38.93 52.07
C GLY A 214 19.09 -38.70 50.62
N SER A 215 18.02 -37.96 50.35
CA SER A 215 17.58 -37.69 48.99
C SER A 215 17.49 -36.19 48.78
N ILE A 216 18.18 -35.69 47.76
CA ILE A 216 18.17 -34.26 47.47
C ILE A 216 16.83 -33.86 46.86
N ASP A 217 16.28 -32.74 47.33
CA ASP A 217 15.00 -32.23 46.84
C ASP A 217 15.19 -30.81 46.33
N CYS A 218 14.71 -30.57 45.10
CA CYS A 218 14.74 -29.26 44.45
C CYS A 218 13.46 -28.53 44.86
N THR A 219 13.58 -27.60 45.81
CA THR A 219 12.39 -26.92 46.32
C THR A 219 12.76 -25.51 46.77
N LEU A 220 11.75 -24.77 47.24
CA LEU A 220 11.92 -23.39 47.66
C LEU A 220 12.39 -23.31 49.10
N THR A 221 13.30 -22.37 49.37
CA THR A 221 13.81 -22.08 50.70
C THR A 221 13.60 -20.62 51.02
N PHE A 222 13.08 -20.36 52.22
CA PHE A 222 12.75 -19.01 52.66
C PHE A 222 13.50 -18.68 53.95
N SER A 223 14.06 -17.48 54.00
CA SER A 223 14.76 -17.02 55.19
C SER A 223 13.75 -16.71 56.29
N HIS A 224 14.24 -16.70 57.53
CA HIS A 224 13.40 -16.47 58.70
C HIS A 224 12.71 -15.11 58.64
N PRO A 225 11.39 -15.03 58.90
CA PRO A 225 10.52 -16.16 59.22
C PRO A 225 10.06 -16.96 57.97
N THR A 226 10.42 -18.24 57.96
CA THR A 226 10.14 -19.12 56.82
C THR A 226 8.64 -19.30 56.61
N TRP A 227 7.88 -19.45 57.70
CA TRP A 227 6.44 -19.66 57.62
C TRP A 227 5.72 -18.47 56.99
N TYR A 228 6.10 -17.25 57.36
CA TYR A 228 5.47 -16.04 56.83
C TYR A 228 5.72 -15.90 55.34
N TRP A 229 6.98 -16.10 54.90
CA TRP A 229 7.32 -16.01 53.48
C TRP A 229 6.64 -17.11 52.68
N GLU A 230 6.58 -18.33 53.24
CA GLU A 230 5.92 -19.45 52.58
C GLU A 230 4.44 -19.18 52.37
N ASN A 231 3.76 -18.73 53.44
CA ASN A 231 2.34 -18.41 53.37
C ASN A 231 2.08 -17.27 52.41
N LEU A 232 2.91 -16.22 52.46
CA LEU A 232 2.75 -15.07 51.58
C LEU A 232 2.90 -15.45 50.12
N LEU A 233 3.92 -16.26 49.80
CA LEU A 233 4.12 -16.69 48.41
C LEU A 233 2.97 -17.56 47.93
N LYS A 234 2.51 -18.50 48.77
CA LYS A 234 1.38 -19.36 48.40
C LYS A 234 0.11 -18.55 48.17
N ILE A 235 -0.19 -17.61 49.07
CA ILE A 235 -1.38 -16.77 48.95
C ILE A 235 -1.31 -15.90 47.70
N CYS A 236 -0.15 -15.27 47.44
CA CYS A 236 0.00 -14.41 46.28
C CYS A 236 -0.11 -15.20 44.97
N VAL A 237 0.57 -16.35 44.88
CA VAL A 237 0.51 -17.18 43.68
C VAL A 237 -0.92 -17.68 43.46
N PHE A 238 -1.58 -18.13 44.54
CA PHE A 238 -2.95 -18.60 44.49
C PHE A 238 -3.89 -17.52 43.96
N ILE A 239 -3.99 -16.39 44.66
CA ILE A 239 -4.94 -15.33 44.30
C ILE A 239 -4.64 -14.78 42.91
N PHE A 240 -3.36 -14.42 42.65
CA PHE A 240 -2.99 -13.80 41.37
C PHE A 240 -3.17 -14.74 40.19
N ALA A 241 -2.90 -16.04 40.36
CA ALA A 241 -3.01 -16.96 39.24
C ALA A 241 -4.37 -17.65 39.14
N PHE A 242 -5.22 -17.57 40.17
CA PHE A 242 -6.52 -18.23 40.12
C PHE A 242 -7.70 -17.28 40.29
N ILE A 243 -7.76 -16.51 41.39
CA ILE A 243 -8.94 -15.69 41.69
C ILE A 243 -9.11 -14.57 40.66
N MET A 244 -8.04 -13.84 40.39
CA MET A 244 -8.10 -12.75 39.40
C MET A 244 -8.34 -13.28 37.98
N PRO A 245 -7.62 -14.32 37.47
CA PRO A 245 -7.90 -14.78 36.10
C PRO A 245 -9.28 -15.37 35.89
N VAL A 246 -9.78 -16.19 36.82
CA VAL A 246 -11.10 -16.79 36.66
C VAL A 246 -12.18 -15.71 36.63
N LEU A 247 -12.07 -14.72 37.52
CA LEU A 247 -13.03 -13.61 37.53
C LEU A 247 -12.96 -12.78 36.25
N ILE A 248 -11.74 -12.46 35.79
CA ILE A 248 -11.60 -11.65 34.56
C ILE A 248 -12.15 -12.39 33.35
N ILE A 249 -11.79 -13.68 33.22
CA ILE A 249 -12.23 -14.51 32.09
C ILE A 249 -13.75 -14.68 32.12
N THR A 250 -14.29 -15.03 33.29
CA THR A 250 -15.74 -15.23 33.46
C THR A 250 -16.52 -13.97 33.12
N VAL A 251 -16.16 -12.83 33.73
CA VAL A 251 -16.89 -11.58 33.50
C VAL A 251 -16.79 -11.14 32.05
N CYS A 252 -15.57 -11.17 31.48
CA CYS A 252 -15.38 -10.70 30.10
C CYS A 252 -16.12 -11.58 29.10
N TYR A 253 -15.99 -12.91 29.21
CA TYR A 253 -16.69 -13.79 28.28
C TYR A 253 -18.20 -13.76 28.49
N GLY A 254 -18.68 -13.64 29.74
CA GLY A 254 -20.11 -13.56 29.97
C GLY A 254 -20.74 -12.32 29.36
N LEU A 255 -20.09 -11.16 29.55
CA LEU A 255 -20.55 -9.92 28.93
C LEU A 255 -20.47 -10.02 27.41
N MET A 256 -19.40 -10.67 26.91
CA MET A 256 -19.22 -10.87 25.49
C MET A 256 -20.34 -11.73 24.89
N ILE A 257 -20.72 -12.81 25.59
CA ILE A 257 -21.81 -13.68 25.14
C ILE A 257 -23.13 -12.93 25.14
N LEU A 258 -23.37 -12.11 26.16
CA LEU A 258 -24.60 -11.30 26.22
C LEU A 258 -24.65 -10.31 25.06
N ARG A 259 -23.51 -9.67 24.75
CA ARG A 259 -23.45 -8.74 23.63
C ARG A 259 -23.69 -9.47 22.31
N LEU A 260 -23.12 -10.68 22.15
CA LEU A 260 -23.36 -11.48 20.96
C LEU A 260 -24.83 -11.84 20.80
N LYS A 261 -25.49 -12.18 21.90
CA LYS A 261 -26.92 -12.45 21.88
C LYS A 261 -27.71 -11.21 21.44
N SER A 262 -27.27 -10.03 21.91
CA SER A 262 -27.92 -8.78 21.52
C SER A 262 -27.81 -8.50 20.02
N VAL A 263 -26.71 -8.94 19.39
CA VAL A 263 -26.45 -8.70 17.96
C VAL A 263 -27.56 -9.26 17.09
N ARG A 264 -28.07 -8.42 16.17
CA ARG A 264 -29.19 -8.79 15.31
C ARG A 264 -28.77 -9.73 14.19
N MET A 265 -27.47 -9.84 13.91
CA MET A 265 -27.00 -10.73 12.85
C MET A 265 -27.23 -12.20 13.22
N LEU A 266 -26.88 -12.59 14.44
CA LEU A 266 -27.00 -13.98 14.87
C LEU A 266 -28.45 -14.44 14.95
N SER A 267 -29.33 -13.61 15.47
CA SER A 267 -30.73 -13.99 15.64
C SER A 267 -31.49 -13.96 14.31
N GLY A 268 -32.61 -14.68 14.28
CA GLY A 268 -33.52 -14.70 13.15
C GLY A 268 -33.27 -15.75 12.08
N SER A 269 -32.15 -16.48 12.15
CA SER A 269 -31.83 -17.53 11.18
C SER A 269 -31.35 -18.76 11.94
N LYS A 270 -31.86 -19.93 11.56
CA LYS A 270 -31.47 -21.18 12.22
C LYS A 270 -29.97 -21.48 12.07
N GLU A 271 -29.41 -21.28 10.87
CA GLU A 271 -27.98 -21.47 10.68
C GLU A 271 -27.16 -20.46 11.47
N LYS A 272 -27.62 -19.20 11.50
CA LYS A 272 -26.93 -18.15 12.23
C LYS A 272 -27.01 -18.38 13.74
N ASP A 273 -28.22 -18.67 14.25
CA ASP A 273 -28.40 -19.06 15.65
C ASP A 273 -27.53 -20.26 16.01
N ARG A 274 -27.41 -21.23 15.09
CA ARG A 274 -26.52 -22.37 15.29
C ARG A 274 -25.07 -21.94 15.41
N ASN A 275 -24.65 -20.97 14.57
CA ASN A 275 -23.29 -20.43 14.65
C ASN A 275 -23.06 -19.74 16.00
N LEU A 276 -24.06 -18.98 16.48
CA LEU A 276 -23.98 -18.35 17.79
C LEU A 276 -23.87 -19.39 18.91
N ARG A 277 -24.66 -20.47 18.80
CA ARG A 277 -24.58 -21.57 19.75
C ARG A 277 -23.20 -22.21 19.74
N ARG A 278 -22.61 -22.38 18.54
CA ARG A 278 -21.26 -22.92 18.41
C ARG A 278 -20.23 -22.03 19.08
N ILE A 279 -20.33 -20.72 18.86
CA ILE A 279 -19.40 -19.75 19.45
C ILE A 279 -19.50 -19.79 20.98
N THR A 280 -20.75 -19.75 21.49
CA THR A 280 -20.99 -19.79 22.94
C THR A 280 -20.47 -21.09 23.54
N ARG A 281 -20.70 -22.22 22.84
CA ARG A 281 -20.24 -23.53 23.30
C ARG A 281 -18.72 -23.58 23.37
N MET A 282 -18.04 -23.04 22.35
CA MET A 282 -16.57 -23.02 22.34
C MET A 282 -16.02 -22.17 23.48
N VAL A 283 -16.66 -21.01 23.73
CA VAL A 283 -16.24 -20.13 24.80
C VAL A 283 -16.41 -20.83 26.16
N LEU A 284 -17.55 -21.51 26.33
CA LEU A 284 -17.81 -22.25 27.56
C LEU A 284 -16.81 -23.38 27.74
N VAL A 285 -16.45 -24.07 26.66
CA VAL A 285 -15.48 -25.16 26.71
C VAL A 285 -14.11 -24.64 27.16
N VAL A 286 -13.69 -23.49 26.62
CA VAL A 286 -12.38 -22.91 27.00
C VAL A 286 -12.37 -22.52 28.48
N VAL A 287 -13.45 -21.86 28.93
CA VAL A 287 -13.55 -21.45 30.33
C VAL A 287 -13.61 -22.67 31.25
N ALA A 288 -14.37 -23.69 30.84
CA ALA A 288 -14.52 -24.91 31.62
C ALA A 288 -13.19 -25.64 31.75
N VAL A 289 -12.46 -25.78 30.64
CA VAL A 289 -11.15 -26.44 30.64
C VAL A 289 -10.20 -25.75 31.62
N PHE A 290 -10.10 -24.42 31.51
CA PHE A 290 -9.19 -23.66 32.38
C PHE A 290 -9.57 -23.81 33.86
N ILE A 291 -10.86 -23.66 34.20
CA ILE A 291 -11.29 -23.76 35.60
C ILE A 291 -11.15 -25.19 36.13
N VAL A 292 -11.57 -26.18 35.35
CA VAL A 292 -11.55 -27.59 35.75
C VAL A 292 -10.12 -28.08 35.96
N CYS A 293 -9.21 -27.70 35.08
CA CYS A 293 -7.83 -28.14 35.26
C CYS A 293 -7.12 -27.41 36.41
N TRP A 294 -7.23 -26.07 36.47
CA TRP A 294 -6.48 -25.32 37.49
C TRP A 294 -7.01 -25.54 38.91
N THR A 295 -8.32 -25.69 39.08
CA THR A 295 -8.91 -25.73 40.42
C THR A 295 -8.40 -26.84 41.37
N PRO A 296 -8.23 -28.13 40.98
CA PRO A 296 -7.76 -29.13 41.96
C PRO A 296 -6.37 -28.90 42.51
N ILE A 297 -5.39 -28.54 41.67
CA ILE A 297 -4.03 -28.33 42.16
C ILE A 297 -3.97 -27.15 43.15
N HIS A 298 -4.65 -26.04 42.83
CA HIS A 298 -4.66 -24.90 43.73
C HIS A 298 -5.37 -25.22 45.05
N ILE A 299 -6.52 -25.91 44.97
CA ILE A 299 -7.24 -26.30 46.19
C ILE A 299 -6.41 -27.27 47.01
N TYR A 300 -5.74 -28.22 46.34
CA TYR A 300 -4.90 -29.21 47.02
C TYR A 300 -3.75 -28.55 47.75
N VAL A 301 -3.11 -27.55 47.11
CA VAL A 301 -2.01 -26.81 47.73
C VAL A 301 -2.52 -26.05 48.95
N ILE A 302 -3.70 -25.41 48.84
CA ILE A 302 -4.28 -24.66 49.96
C ILE A 302 -4.61 -25.59 51.13
N ILE A 303 -5.16 -26.77 50.83
CA ILE A 303 -5.51 -27.74 51.87
C ILE A 303 -4.25 -28.25 52.56
N LYS A 304 -3.30 -28.78 51.79
CA LYS A 304 -2.01 -29.28 52.29
C LYS A 304 -1.32 -28.24 53.18
N ALA A 305 -1.19 -27.01 52.68
CA ALA A 305 -0.55 -25.94 53.44
C ALA A 305 -1.28 -25.64 54.75
N LEU A 306 -2.62 -25.53 54.70
CA LEU A 306 -3.38 -25.16 55.89
C LEU A 306 -3.30 -26.24 56.98
N VAL A 307 -3.48 -27.51 56.61
CA VAL A 307 -3.50 -28.60 57.57
C VAL A 307 -2.53 -29.68 57.09
N THR A 308 -1.56 -30.02 57.94
CA THR A 308 -0.61 -31.08 57.64
C THR A 308 -1.33 -32.43 57.63
N ILE A 309 -1.05 -33.24 56.61
CA ILE A 309 -1.64 -34.58 56.48
C ILE A 309 -0.52 -35.60 56.34
N PRO A 310 -0.61 -36.76 57.01
CA PRO A 310 0.47 -37.75 56.96
C PRO A 310 0.65 -38.30 55.55
N GLU A 311 1.92 -38.49 55.17
CA GLU A 311 2.27 -38.94 53.83
C GLU A 311 1.77 -40.36 53.57
N THR A 312 1.14 -40.55 52.42
CA THR A 312 0.61 -41.83 51.96
C THR A 312 0.83 -41.91 50.45
N THR A 313 0.78 -43.15 49.93
CA THR A 313 0.94 -43.38 48.51
C THR A 313 -0.17 -42.70 47.70
N PHE A 314 -1.41 -42.76 48.20
CA PHE A 314 -2.54 -42.11 47.54
C PHE A 314 -2.36 -40.59 47.49
N GLN A 315 -1.79 -40.01 48.55
CA GLN A 315 -1.51 -38.57 48.58
C GLN A 315 -0.52 -38.17 47.49
N THR A 316 0.59 -38.92 47.39
CA THR A 316 1.59 -38.69 46.34
C THR A 316 0.99 -38.82 44.95
N VAL A 317 0.17 -39.86 44.73
CA VAL A 317 -0.47 -40.08 43.43
C VAL A 317 -1.42 -38.94 43.09
N SER A 318 -2.20 -38.46 44.07
CA SER A 318 -3.12 -37.34 43.85
C SER A 318 -2.37 -36.04 43.56
N TRP A 319 -1.27 -35.80 44.29
CA TRP A 319 -0.44 -34.60 44.07
C TRP A 319 0.14 -34.57 42.66
N HIS A 320 0.75 -35.68 42.25
CA HIS A 320 1.30 -35.75 40.89
C HIS A 320 0.21 -35.75 39.83
N PHE A 321 -0.96 -36.33 40.11
CA PHE A 321 -2.07 -36.28 39.16
C PHE A 321 -2.56 -34.84 38.95
N CYS A 322 -2.64 -34.06 40.03
CA CYS A 322 -3.03 -32.65 39.92
C CYS A 322 -2.00 -31.85 39.14
N ILE A 323 -0.71 -32.11 39.41
CA ILE A 323 0.37 -31.42 38.67
C ILE A 323 0.31 -31.78 37.19
N ALA A 324 0.12 -33.06 36.88
CA ALA A 324 -0.02 -33.53 35.50
C ALA A 324 -1.24 -32.91 34.83
N LEU A 325 -2.33 -32.74 35.58
CA LEU A 325 -3.53 -32.10 35.04
C LEU A 325 -3.25 -30.63 34.67
N GLY A 326 -2.48 -29.93 35.52
CA GLY A 326 -2.11 -28.56 35.19
C GLY A 326 -1.25 -28.46 33.95
N TYR A 327 -0.26 -29.37 33.83
CA TYR A 327 0.56 -29.41 32.61
C TYR A 327 -0.27 -29.80 31.39
N THR A 328 -1.26 -30.68 31.59
CA THR A 328 -2.18 -31.05 30.51
C THR A 328 -2.96 -29.84 30.03
N ASN A 329 -3.41 -29.00 30.97
CA ASN A 329 -4.04 -27.72 30.62
C ASN A 329 -3.10 -26.85 29.80
N SER A 330 -1.84 -26.73 30.25
CA SER A 330 -0.82 -25.99 29.50
C SER A 330 -0.69 -26.54 28.08
N CYS A 331 -0.75 -27.86 27.93
CA CYS A 331 -0.66 -28.49 26.63
C CYS A 331 -1.91 -28.25 25.78
N LEU A 332 -3.09 -28.24 26.41
CA LEU A 332 -4.36 -28.15 25.69
C LEU A 332 -4.80 -26.72 25.40
N ASN A 333 -4.22 -25.71 26.03
CA ASN A 333 -4.59 -24.33 25.71
C ASN A 333 -4.24 -23.92 24.27
N PRO A 334 -3.03 -24.19 23.73
CA PRO A 334 -2.79 -23.85 22.31
C PRO A 334 -3.68 -24.61 21.35
N VAL A 335 -3.99 -25.88 21.66
CA VAL A 335 -4.89 -26.66 20.81
C VAL A 335 -6.26 -25.98 20.72
N LEU A 336 -6.89 -25.76 21.89
CA LEU A 336 -8.20 -25.11 22.00
C LEU A 336 -8.24 -23.75 21.30
N TYR A 337 -7.17 -22.96 21.44
CA TYR A 337 -7.17 -21.64 20.81
C TYR A 337 -6.82 -21.71 19.32
N ALA A 338 -5.58 -22.08 19.01
CA ALA A 338 -5.08 -22.04 17.64
C ALA A 338 -5.81 -23.01 16.70
N PHE A 339 -5.99 -24.27 17.10
CA PHE A 339 -6.63 -25.24 16.21
C PHE A 339 -8.08 -24.89 15.92
N LEU A 340 -8.81 -24.40 16.92
CA LEU A 340 -10.20 -24.03 16.69
C LEU A 340 -10.34 -22.66 16.07
N ASP A 341 -9.25 -21.90 15.97
CA ASP A 341 -9.27 -20.60 15.29
C ASP A 341 -9.58 -20.84 13.81
N GLU A 342 -10.52 -20.07 13.28
CA GLU A 342 -10.97 -20.25 11.90
C GLU A 342 -9.88 -19.98 10.86
N ASN A 343 -9.06 -18.94 11.07
CA ASN A 343 -7.99 -18.64 10.12
C ASN A 343 -6.99 -19.78 10.02
N PHE A 344 -6.57 -20.31 11.18
CA PHE A 344 -5.69 -21.47 11.20
C PHE A 344 -6.38 -22.68 10.62
N LYS A 345 -7.68 -22.87 10.95
CA LYS A 345 -8.47 -23.96 10.37
C LYS A 345 -8.46 -23.90 8.86
N ARG A 346 -8.63 -22.70 8.29
CA ARG A 346 -8.57 -22.48 6.84
C ARG A 346 -7.22 -22.97 6.31
N CYS A 347 -6.13 -22.55 6.98
CA CYS A 347 -4.79 -22.95 6.55
C CYS A 347 -4.60 -24.47 6.62
N PHE A 348 -5.08 -25.11 7.68
CA PHE A 348 -5.00 -26.57 7.79
C PHE A 348 -5.84 -27.25 6.71
N ARG A 349 -7.03 -26.68 6.43
CA ARG A 349 -7.94 -27.21 5.42
C ARG A 349 -7.32 -27.18 4.03
N GLU A 350 -6.60 -26.10 3.70
CA GLU A 350 -5.99 -25.97 2.37
C GLU A 350 -4.97 -27.09 2.11
N PHE A 351 -4.17 -27.42 3.12
CA PHE A 351 -3.16 -28.47 2.99
C PHE A 351 -3.75 -29.83 3.38
N GLY B 2 25.23 0.04 5.66
CA GLY B 2 25.19 1.19 4.78
C GLY B 2 26.52 1.94 4.71
N CYS B 3 27.61 1.20 4.91
CA CYS B 3 28.94 1.78 4.67
C CYS B 3 29.20 1.93 3.18
N THR B 4 28.81 0.95 2.37
CA THR B 4 29.01 1.00 0.93
C THR B 4 28.23 2.16 0.31
N LEU B 5 26.99 2.37 0.76
CA LEU B 5 26.14 3.45 0.26
C LEU B 5 26.75 4.81 0.57
N SER B 6 26.67 5.71 -0.41
CA SER B 6 27.21 7.06 -0.28
C SER B 6 26.34 7.90 0.67
N ALA B 7 26.79 9.13 0.92
CA ALA B 7 26.04 10.07 1.74
C ALA B 7 24.67 10.39 1.13
N GLU B 8 24.62 10.62 -0.18
CA GLU B 8 23.36 10.86 -0.85
C GLU B 8 22.46 9.63 -0.84
N ASP B 9 23.05 8.44 -1.05
CA ASP B 9 22.30 7.20 -0.96
C ASP B 9 21.71 6.98 0.43
N LYS B 10 22.49 7.20 1.48
CA LYS B 10 22.00 7.06 2.84
C LYS B 10 20.90 8.07 3.17
N ALA B 11 21.08 9.32 2.71
CA ALA B 11 20.06 10.34 2.88
C ALA B 11 18.77 9.99 2.13
N ALA B 12 18.90 9.43 0.93
CA ALA B 12 17.75 8.95 0.17
C ALA B 12 17.02 7.82 0.90
N VAL B 13 17.78 6.89 1.48
CA VAL B 13 17.19 5.81 2.28
C VAL B 13 16.45 6.39 3.48
N GLU B 14 17.03 7.41 4.13
CA GLU B 14 16.37 8.08 5.25
C GLU B 14 15.08 8.77 4.81
N ARG B 15 15.11 9.45 3.65
CA ARG B 15 13.89 10.04 3.10
C ARG B 15 12.83 8.99 2.81
N SER B 16 13.25 7.83 2.29
CA SER B 16 12.35 6.70 2.08
C SER B 16 11.71 6.25 3.40
N LYS B 17 12.52 6.11 4.45
CA LYS B 17 12.01 5.72 5.76
C LYS B 17 11.04 6.75 6.33
N MET B 18 11.31 8.05 6.11
CA MET B 18 10.38 9.10 6.51
C MET B 18 9.04 8.99 5.76
N ILE B 19 9.12 8.71 4.45
CA ILE B 19 7.92 8.46 3.65
C ILE B 19 7.16 7.25 4.17
N ASP B 20 7.88 6.17 4.50
CA ASP B 20 7.28 4.97 5.08
C ASP B 20 6.57 5.26 6.40
N ARG B 21 7.16 6.14 7.23
CA ARG B 21 6.52 6.55 8.48
C ARG B 21 5.24 7.32 8.21
N ASN B 22 5.28 8.28 7.29
CA ASN B 22 4.09 9.05 6.95
C ASN B 22 2.99 8.15 6.39
N LEU B 23 3.35 7.22 5.49
CA LEU B 23 2.38 6.26 4.95
C LEU B 23 1.80 5.34 6.01
N ARG B 24 2.61 4.91 6.98
CA ARG B 24 2.07 4.05 8.04
C ARG B 24 1.10 4.84 8.93
N GLU B 25 1.44 6.10 9.25
CA GLU B 25 0.55 6.93 10.07
C GLU B 25 -0.76 7.20 9.35
N ASP B 26 -0.69 7.51 8.05
CA ASP B 26 -1.90 7.72 7.26
C ASP B 26 -2.73 6.45 7.11
N GLY B 27 -2.06 5.29 6.99
CA GLY B 27 -2.79 4.04 7.00
C GLY B 27 -3.47 3.72 8.32
N GLU B 28 -2.82 4.08 9.43
CA GLU B 28 -3.44 3.94 10.75
C GLU B 28 -4.63 4.88 10.91
N LYS B 29 -4.54 6.07 10.32
CA LYS B 29 -5.70 6.97 10.28
C LYS B 29 -6.83 6.36 9.45
N ALA B 30 -6.50 5.85 8.25
CA ALA B 30 -7.50 5.28 7.35
C ALA B 30 -8.17 4.04 7.93
N ALA B 31 -7.44 3.25 8.74
CA ALA B 31 -7.99 2.06 9.38
C ALA B 31 -9.06 2.35 10.42
N ARG B 32 -9.23 3.61 10.83
CA ARG B 32 -10.27 4.01 11.77
C ARG B 32 -11.41 4.74 11.08
N GLU B 33 -11.45 4.71 9.76
CA GLU B 33 -12.45 5.40 8.96
C GLU B 33 -13.47 4.41 8.43
N VAL B 34 -14.75 4.70 8.67
CA VAL B 34 -15.84 3.87 8.16
C VAL B 34 -16.20 4.35 6.76
N LYS B 35 -16.10 3.44 5.79
CA LYS B 35 -16.27 3.75 4.38
C LYS B 35 -17.60 3.16 3.94
N LEU B 36 -18.55 4.02 3.59
CA LEU B 36 -19.92 3.62 3.26
C LEU B 36 -20.20 3.92 1.80
N LEU B 37 -20.67 2.91 1.06
CA LEU B 37 -21.10 3.09 -0.32
C LEU B 37 -22.53 3.58 -0.31
N LEU B 38 -22.85 4.50 -1.22
CA LEU B 38 -24.20 5.06 -1.31
C LEU B 38 -24.77 4.83 -2.70
N LEU B 39 -26.00 4.28 -2.75
CA LEU B 39 -26.65 3.95 -4.02
C LEU B 39 -28.12 4.34 -3.97
N GLY B 40 -28.69 4.48 -5.16
CA GLY B 40 -30.03 5.02 -5.33
C GLY B 40 -30.06 6.12 -6.37
N ALA B 41 -31.28 6.55 -6.69
CA ALA B 41 -31.49 7.59 -7.70
C ALA B 41 -32.09 8.85 -7.09
N GLY B 42 -32.36 9.83 -7.97
CA GLY B 42 -32.94 11.09 -7.52
C GLY B 42 -34.35 10.97 -6.96
N GLU B 43 -35.18 10.17 -7.62
CA GLU B 43 -36.55 9.92 -7.13
C GLU B 43 -36.53 9.21 -5.78
N SER B 44 -35.55 8.33 -5.57
CA SER B 44 -35.40 7.57 -4.34
C SER B 44 -35.24 8.44 -3.10
N GLY B 45 -34.65 9.62 -3.25
CA GLY B 45 -34.45 10.50 -2.11
C GLY B 45 -33.08 10.36 -1.48
N LYS B 46 -32.09 9.94 -2.25
CA LYS B 46 -30.72 9.78 -1.75
C LYS B 46 -30.13 11.10 -1.29
N SER B 47 -30.42 12.18 -2.01
CA SER B 47 -29.95 13.52 -1.65
C SER B 47 -30.50 13.92 -0.28
N THR B 48 -31.74 13.53 0.01
CA THR B 48 -32.37 13.84 1.29
C THR B 48 -31.61 13.21 2.44
N ILE B 49 -31.23 11.92 2.31
CA ILE B 49 -30.46 11.28 3.39
C ILE B 49 -29.08 11.92 3.50
N VAL B 50 -28.48 12.34 2.37
CA VAL B 50 -27.17 13.00 2.43
C VAL B 50 -27.27 14.29 3.24
N LYS B 51 -28.32 15.07 2.98
CA LYS B 51 -28.55 16.31 3.72
C LYS B 51 -28.81 16.04 5.20
N GLN B 52 -29.63 15.03 5.51
CA GLN B 52 -29.96 14.70 6.90
C GLN B 52 -28.73 14.21 7.67
N MET B 53 -27.97 13.29 7.09
CA MET B 53 -26.79 12.73 7.76
C MET B 53 -25.69 13.77 7.91
N LYS B 54 -25.48 14.61 6.89
CA LYS B 54 -24.41 15.61 6.94
C LYS B 54 -24.66 16.62 8.07
N ILE B 55 -23.60 16.95 8.79
CA ILE B 55 -23.69 17.89 9.91
C ILE B 55 -22.42 18.72 10.00
N THR B 182 -17.56 15.92 -9.31
CA THR B 182 -18.83 15.61 -9.94
C THR B 182 -19.06 14.09 -10.01
N GLY B 183 -17.98 13.36 -10.27
CA GLY B 183 -18.07 11.90 -10.39
C GLY B 183 -18.53 11.21 -9.12
N ILE B 184 -17.93 11.58 -7.99
CA ILE B 184 -18.25 11.01 -6.69
C ILE B 184 -18.30 12.15 -5.69
N VAL B 185 -19.37 12.19 -4.89
CA VAL B 185 -19.53 13.22 -3.87
C VAL B 185 -19.19 12.60 -2.54
N GLU B 186 -18.27 13.22 -1.80
CA GLU B 186 -17.81 12.69 -0.53
C GLU B 186 -18.42 13.52 0.58
N THR B 187 -19.00 12.84 1.57
CA THR B 187 -19.66 13.52 2.68
C THR B 187 -19.09 12.97 3.97
N HIS B 188 -17.89 13.44 4.32
CA HIS B 188 -17.24 13.04 5.56
C HIS B 188 -18.00 13.60 6.75
N PHE B 189 -18.19 12.78 7.78
CA PHE B 189 -18.83 13.26 9.00
C PHE B 189 -18.39 12.41 10.18
N THR B 190 -18.70 12.89 11.37
CA THR B 190 -18.34 12.21 12.61
C THR B 190 -19.60 11.97 13.44
N PHE B 191 -19.69 10.77 14.02
CA PHE B 191 -20.80 10.45 14.92
C PHE B 191 -20.30 9.52 16.01
N LYS B 192 -20.48 9.95 17.27
CA LYS B 192 -20.03 9.25 18.48
C LYS B 192 -18.55 8.93 18.40
N ASP B 193 -17.77 9.94 18.00
CA ASP B 193 -16.31 9.88 17.84
C ASP B 193 -15.88 8.82 16.82
N LEU B 194 -16.76 8.48 15.88
CA LEU B 194 -16.43 7.56 14.80
C LEU B 194 -16.53 8.28 13.48
N HIS B 195 -15.52 8.12 12.63
CA HIS B 195 -15.43 8.80 11.35
C HIS B 195 -16.15 7.99 10.28
N PHE B 196 -17.11 8.61 9.60
CA PHE B 196 -17.90 7.99 8.55
C PHE B 196 -17.64 8.68 7.23
N LYS B 197 -17.37 7.89 6.20
CA LYS B 197 -17.10 8.38 4.85
C LYS B 197 -18.14 7.80 3.90
N MET B 198 -18.90 8.69 3.27
CA MET B 198 -19.94 8.29 2.32
C MET B 198 -19.59 8.80 0.94
N PHE B 199 -19.62 7.90 -0.04
CA PHE B 199 -19.29 8.19 -1.43
C PHE B 199 -20.55 8.06 -2.28
N ASP B 200 -20.88 9.12 -3.02
CA ASP B 200 -22.04 9.15 -3.90
C ASP B 200 -21.57 8.97 -5.34
N VAL B 201 -21.83 7.78 -5.89
CA VAL B 201 -21.51 7.43 -7.28
C VAL B 201 -22.69 7.59 -8.22
N GLY B 202 -23.84 8.06 -7.72
CA GLY B 202 -25.04 8.17 -8.54
C GLY B 202 -24.91 9.10 -9.73
N ALA B 203 -24.16 10.19 -9.57
CA ALA B 203 -24.02 11.21 -10.61
C ALA B 203 -23.45 10.66 -11.91
N GLN B 204 -22.47 9.75 -11.83
CA GLN B 204 -21.86 9.16 -13.02
C GLN B 204 -22.88 8.34 -13.81
N ARG B 205 -22.88 8.54 -15.13
CA ARG B 205 -23.73 7.79 -16.03
C ARG B 205 -23.00 6.66 -16.74
N SER B 206 -21.73 6.43 -16.37
CA SER B 206 -20.93 5.36 -16.95
C SER B 206 -21.42 4.00 -16.43
N GLU B 207 -21.05 2.95 -17.18
CA GLU B 207 -21.45 1.58 -16.83
C GLU B 207 -20.94 1.20 -15.45
N ARG B 208 -21.86 0.72 -14.61
CA ARG B 208 -21.57 0.38 -13.22
C ARG B 208 -20.55 -0.74 -13.08
N LYS B 209 -20.63 -1.75 -13.97
CA LYS B 209 -19.80 -2.96 -13.87
C LYS B 209 -18.31 -2.66 -13.92
N LYS B 210 -17.90 -1.71 -14.76
CA LYS B 210 -16.48 -1.39 -14.93
C LYS B 210 -15.81 -0.85 -13.68
N TRP B 211 -16.53 -0.11 -12.85
CA TRP B 211 -15.94 0.46 -11.64
C TRP B 211 -16.55 -0.11 -10.36
N ILE B 212 -17.42 -1.11 -10.48
CA ILE B 212 -18.05 -1.70 -9.30
C ILE B 212 -17.05 -2.43 -8.41
N HIS B 213 -15.99 -3.03 -9.00
CA HIS B 213 -14.97 -3.71 -8.20
C HIS B 213 -14.05 -2.74 -7.45
N CYS B 214 -14.05 -1.46 -7.83
CA CYS B 214 -13.26 -0.46 -7.09
C CYS B 214 -13.71 -0.31 -5.65
N PHE B 215 -14.96 -0.65 -5.34
CA PHE B 215 -15.49 -0.57 -3.98
C PHE B 215 -15.53 -1.92 -3.28
N GLU B 216 -14.50 -2.76 -3.40
CA GLU B 216 -14.55 -4.07 -2.76
C GLU B 216 -14.12 -4.01 -1.30
N GLY B 217 -13.75 -2.83 -0.82
CA GLY B 217 -13.32 -2.63 0.55
C GLY B 217 -14.21 -1.63 1.23
N VAL B 218 -15.52 -1.94 1.27
CA VAL B 218 -16.52 -1.04 1.83
C VAL B 218 -17.23 -1.77 2.96
N THR B 219 -17.38 -1.08 4.10
CA THR B 219 -18.02 -1.68 5.28
C THR B 219 -19.48 -2.01 5.02
N ALA B 220 -20.23 -1.08 4.42
CA ALA B 220 -21.65 -1.30 4.18
C ALA B 220 -22.08 -0.51 2.95
N ILE B 221 -23.22 -0.92 2.38
CA ILE B 221 -23.82 -0.29 1.23
C ILE B 221 -25.18 0.23 1.66
N ILE B 222 -25.37 1.54 1.59
CA ILE B 222 -26.66 2.14 1.89
C ILE B 222 -27.35 2.32 0.56
N PHE B 223 -28.50 1.67 0.41
CA PHE B 223 -29.30 1.72 -0.80
C PHE B 223 -30.62 2.39 -0.46
N CYS B 224 -30.98 3.40 -1.23
CA CYS B 224 -32.17 4.18 -0.95
C CYS B 224 -33.18 4.04 -2.08
N VAL B 225 -34.43 3.78 -1.70
CA VAL B 225 -35.54 3.73 -2.64
C VAL B 225 -36.65 4.59 -2.07
N ALA B 226 -37.65 4.88 -2.90
CA ALA B 226 -38.78 5.67 -2.50
C ALA B 226 -40.01 4.79 -2.57
N LEU B 227 -40.78 4.79 -1.48
CA LEU B 227 -41.99 4.00 -1.38
C LEU B 227 -43.03 4.39 -2.43
N SER B 228 -43.09 5.68 -2.76
CA SER B 228 -44.07 6.22 -3.70
C SER B 228 -43.71 6.03 -5.17
N ASP B 229 -42.55 5.42 -5.47
CA ASP B 229 -42.10 5.25 -6.86
C ASP B 229 -43.04 4.40 -7.71
N TYR B 230 -43.75 3.43 -7.13
CA TYR B 230 -44.57 2.49 -7.90
C TYR B 230 -45.66 3.19 -8.73
N ASP B 231 -46.29 4.23 -8.17
CA ASP B 231 -47.31 4.96 -8.91
C ASP B 231 -46.73 5.67 -10.13
N LEU B 232 -45.60 6.34 -9.95
CA LEU B 232 -44.98 7.07 -11.04
C LEU B 232 -44.39 6.10 -12.05
N VAL B 233 -44.70 6.33 -13.32
CA VAL B 233 -44.19 5.52 -14.43
C VAL B 233 -43.43 6.45 -15.37
N LEU B 234 -42.20 6.07 -15.72
CA LEU B 234 -41.38 6.89 -16.62
C LEU B 234 -42.00 6.96 -18.01
N ALA B 235 -41.94 8.14 -18.61
CA ALA B 235 -42.52 8.39 -19.93
C ALA B 235 -41.54 7.98 -21.04
N GLU B 236 -41.29 6.67 -21.10
CA GLU B 236 -40.43 6.10 -22.12
C GLU B 236 -41.30 5.60 -23.28
N ASP B 237 -40.67 4.93 -24.25
CA ASP B 237 -41.41 4.35 -25.38
C ASP B 237 -42.39 3.29 -24.91
N GLU B 238 -42.00 2.46 -23.94
CA GLU B 238 -42.85 1.45 -23.34
C GLU B 238 -43.02 1.82 -21.87
N GLU B 239 -44.15 1.42 -21.28
CA GLU B 239 -44.44 1.78 -19.90
C GLU B 239 -43.87 0.71 -18.99
N MET B 240 -42.91 1.10 -18.14
CA MET B 240 -42.27 0.21 -17.19
C MET B 240 -42.34 0.83 -15.80
N ASN B 241 -42.79 0.05 -14.82
CA ASN B 241 -42.89 0.54 -13.45
C ASN B 241 -41.49 0.84 -12.89
N ARG B 242 -41.39 1.97 -12.20
CA ARG B 242 -40.14 2.41 -11.61
C ARG B 242 -39.72 1.49 -10.45
N MET B 243 -40.67 1.19 -9.55
CA MET B 243 -40.42 0.27 -8.43
C MET B 243 -39.87 -1.07 -8.90
N HIS B 244 -40.38 -1.60 -10.02
CA HIS B 244 -39.84 -2.85 -10.55
C HIS B 244 -38.50 -2.67 -11.25
N GLU B 245 -38.11 -1.44 -11.58
CA GLU B 245 -36.73 -1.17 -11.95
C GLU B 245 -35.82 -1.18 -10.73
N SER B 246 -36.23 -0.47 -9.67
CA SER B 246 -35.47 -0.41 -8.42
C SER B 246 -35.27 -1.79 -7.81
N MET B 247 -36.28 -2.67 -7.91
CA MET B 247 -36.12 -4.06 -7.48
C MET B 247 -35.01 -4.78 -8.25
N LYS B 248 -34.95 -4.57 -9.57
CA LYS B 248 -33.90 -5.18 -10.37
C LYS B 248 -32.53 -4.59 -10.05
N LEU B 249 -32.48 -3.28 -9.82
CA LEU B 249 -31.26 -2.61 -9.40
C LEU B 249 -30.75 -3.17 -8.06
N PHE B 250 -31.65 -3.34 -7.10
CA PHE B 250 -31.30 -3.94 -5.81
C PHE B 250 -30.82 -5.37 -5.98
N ASP B 251 -31.50 -6.16 -6.81
CA ASP B 251 -31.09 -7.53 -7.08
C ASP B 251 -29.69 -7.60 -7.68
N SER B 252 -29.43 -6.78 -8.71
CA SER B 252 -28.13 -6.76 -9.37
C SER B 252 -27.00 -6.27 -8.47
N ILE B 253 -27.30 -5.35 -7.54
CA ILE B 253 -26.29 -4.92 -6.59
C ILE B 253 -26.07 -5.98 -5.52
N CYS B 254 -27.16 -6.52 -4.98
CA CYS B 254 -27.10 -7.44 -3.85
C CYS B 254 -26.43 -8.76 -4.21
N ASN B 255 -26.72 -9.31 -5.39
CA ASN B 255 -26.16 -10.58 -5.82
C ASN B 255 -24.80 -10.44 -6.49
N ASN B 256 -24.22 -9.25 -6.49
CA ASN B 256 -22.90 -9.03 -7.08
C ASN B 256 -21.83 -9.83 -6.33
N LYS B 257 -20.93 -10.43 -7.11
CA LYS B 257 -19.86 -11.25 -6.54
C LYS B 257 -18.94 -10.44 -5.64
N TRP B 258 -18.65 -9.19 -6.02
CA TRP B 258 -17.76 -8.33 -5.23
C TRP B 258 -18.35 -8.01 -3.85
N PHE B 259 -19.68 -7.87 -3.76
CA PHE B 259 -20.35 -7.47 -2.54
C PHE B 259 -21.08 -8.59 -1.82
N THR B 260 -20.64 -9.85 -1.98
CA THR B 260 -21.33 -10.98 -1.37
C THR B 260 -21.36 -10.89 0.16
N ASP B 261 -20.23 -10.54 0.77
CA ASP B 261 -20.18 -10.44 2.22
C ASP B 261 -20.52 -9.05 2.76
N THR B 262 -20.59 -8.04 1.91
CA THR B 262 -20.90 -6.69 2.35
C THR B 262 -22.37 -6.58 2.76
N SER B 263 -22.63 -5.87 3.86
CA SER B 263 -23.99 -5.68 4.33
C SER B 263 -24.66 -4.54 3.57
N ILE B 264 -26.00 -4.55 3.58
CA ILE B 264 -26.80 -3.57 2.86
C ILE B 264 -27.81 -2.97 3.82
N ILE B 265 -27.76 -1.65 3.97
CA ILE B 265 -28.76 -0.88 4.70
C ILE B 265 -29.77 -0.38 3.68
N LEU B 266 -31.06 -0.54 3.97
CA LEU B 266 -32.12 -0.22 3.01
C LEU B 266 -33.01 0.87 3.55
N PHE B 267 -33.01 2.03 2.90
CA PHE B 267 -33.81 3.17 3.32
C PHE B 267 -35.02 3.35 2.41
N LEU B 268 -36.19 3.44 3.03
CA LEU B 268 -37.49 3.59 2.36
C LEU B 268 -37.96 5.02 2.61
N ASN B 269 -37.83 5.87 1.60
CA ASN B 269 -38.15 7.29 1.74
C ASN B 269 -39.61 7.57 1.39
N LYS B 270 -40.06 8.78 1.78
CA LYS B 270 -41.40 9.31 1.48
C LYS B 270 -42.52 8.47 2.12
N LYS B 271 -42.34 8.16 3.40
CA LYS B 271 -43.31 7.34 4.14
C LYS B 271 -44.71 7.96 4.18
N ASP B 272 -44.83 9.21 4.66
CA ASP B 272 -46.10 9.94 4.69
C ASP B 272 -46.79 9.99 3.32
N LEU B 273 -46.02 10.34 2.27
CA LEU B 273 -46.55 10.34 0.91
C LEU B 273 -46.98 8.95 0.48
N PHE B 274 -46.25 7.92 0.90
CA PHE B 274 -46.68 6.54 0.67
C PHE B 274 -48.00 6.23 1.35
N GLU B 275 -48.19 6.69 2.60
CA GLU B 275 -49.44 6.51 3.33
C GLU B 275 -50.62 7.11 2.56
N GLU B 276 -50.48 8.38 2.17
CA GLU B 276 -51.54 9.06 1.43
C GLU B 276 -51.79 8.38 0.08
N LYS B 277 -50.72 7.98 -0.60
CA LYS B 277 -50.84 7.33 -1.91
C LYS B 277 -51.50 5.97 -1.79
N ILE B 278 -51.12 5.16 -0.79
CA ILE B 278 -51.69 3.83 -0.62
C ILE B 278 -53.17 3.91 -0.24
N LYS B 279 -53.55 4.87 0.63
CA LYS B 279 -54.97 5.00 0.96
C LYS B 279 -55.77 5.50 -0.24
N LYS B 280 -55.24 6.47 -0.99
CA LYS B 280 -55.97 7.00 -2.15
C LYS B 280 -56.09 5.98 -3.28
N SER B 281 -54.99 5.31 -3.62
CA SER B 281 -54.95 4.38 -4.74
C SER B 281 -54.42 3.01 -4.32
N PRO B 282 -55.13 1.92 -4.64
CA PRO B 282 -54.67 0.58 -4.26
C PRO B 282 -53.40 0.16 -4.99
N LEU B 283 -52.65 -0.74 -4.36
CA LEU B 283 -51.40 -1.23 -4.92
C LEU B 283 -51.60 -2.40 -5.87
N THR B 284 -52.83 -2.93 -5.92
CA THR B 284 -53.12 -4.07 -6.79
C THR B 284 -52.91 -3.75 -8.27
N ILE B 285 -53.14 -2.49 -8.67
CA ILE B 285 -53.10 -2.10 -10.08
C ILE B 285 -51.71 -2.32 -10.69
N CYS B 286 -50.64 -2.00 -9.95
CA CYS B 286 -49.28 -2.15 -10.48
C CYS B 286 -48.91 -3.61 -10.71
N TYR B 287 -48.89 -4.41 -9.64
CA TYR B 287 -48.58 -5.82 -9.75
C TYR B 287 -49.73 -6.65 -9.17
N PRO B 288 -50.38 -7.48 -9.98
CA PRO B 288 -51.56 -8.24 -9.53
C PRO B 288 -51.33 -9.24 -8.41
N GLU B 289 -50.09 -9.76 -8.25
CA GLU B 289 -49.80 -10.84 -7.31
C GLU B 289 -50.19 -10.49 -5.87
N TYR B 290 -49.96 -9.25 -5.45
CA TYR B 290 -50.33 -8.81 -4.11
C TYR B 290 -51.84 -8.85 -3.91
N ALA B 291 -52.28 -9.53 -2.86
CA ALA B 291 -53.70 -9.63 -2.53
C ALA B 291 -54.06 -8.93 -1.23
N GLY B 292 -53.11 -8.21 -0.64
CA GLY B 292 -53.37 -7.53 0.61
C GLY B 292 -54.27 -6.31 0.44
N SER B 293 -54.87 -5.90 1.55
CA SER B 293 -55.73 -4.73 1.57
C SER B 293 -54.90 -3.45 1.52
N ASN B 294 -55.60 -2.33 1.27
CA ASN B 294 -54.95 -1.02 1.15
C ASN B 294 -54.67 -0.44 2.54
N THR B 295 -53.68 -1.03 3.20
CA THR B 295 -53.24 -0.63 4.53
C THR B 295 -51.78 -0.24 4.46
N TYR B 296 -51.44 0.92 5.04
CA TYR B 296 -50.08 1.46 5.05
C TYR B 296 -49.06 0.49 5.61
N GLU B 297 -49.29 0.02 6.85
CA GLU B 297 -48.34 -0.89 7.52
C GLU B 297 -48.19 -2.21 6.77
N GLU B 298 -49.31 -2.77 6.30
CA GLU B 298 -49.28 -4.03 5.56
C GLU B 298 -48.52 -3.90 4.24
N ALA B 299 -48.77 -2.82 3.50
CA ALA B 299 -48.08 -2.59 2.24
C ALA B 299 -46.59 -2.36 2.46
N ALA B 300 -46.24 -1.58 3.49
CA ALA B 300 -44.84 -1.32 3.81
C ALA B 300 -44.11 -2.61 4.21
N ALA B 301 -44.78 -3.45 5.01
CA ALA B 301 -44.22 -4.73 5.41
C ALA B 301 -44.02 -5.64 4.20
N TYR B 302 -44.99 -5.63 3.27
CA TYR B 302 -44.85 -6.44 2.05
C TYR B 302 -43.69 -5.97 1.20
N ILE B 303 -43.51 -4.65 1.06
CA ILE B 303 -42.39 -4.12 0.27
C ILE B 303 -41.06 -4.51 0.92
N GLN B 304 -41.00 -4.40 2.26
CA GLN B 304 -39.79 -4.77 3.00
C GLN B 304 -39.47 -6.25 2.87
N CYS B 305 -40.49 -7.13 2.99
CA CYS B 305 -40.25 -8.56 2.86
C CYS B 305 -39.83 -8.93 1.44
N GLN B 306 -40.43 -8.27 0.42
CA GLN B 306 -40.03 -8.53 -0.96
C GLN B 306 -38.56 -8.15 -1.21
N PHE B 307 -38.15 -6.99 -0.70
CA PHE B 307 -36.74 -6.57 -0.83
C PHE B 307 -35.81 -7.54 -0.10
N GLU B 308 -36.20 -8.00 1.09
CA GLU B 308 -35.41 -9.00 1.79
C GLU B 308 -35.34 -10.31 1.01
N ASP B 309 -36.45 -10.70 0.39
CA ASP B 309 -36.51 -11.91 -0.42
C ASP B 309 -35.62 -11.83 -1.65
N LEU B 310 -35.38 -10.61 -2.17
CA LEU B 310 -34.54 -10.42 -3.37
C LEU B 310 -33.13 -10.98 -3.16
N ASN B 311 -32.58 -10.87 -1.95
CA ASN B 311 -31.28 -11.42 -1.62
C ASN B 311 -31.28 -12.94 -1.80
N LYS B 312 -30.28 -13.45 -2.51
CA LYS B 312 -30.15 -14.88 -2.75
C LYS B 312 -29.13 -15.54 -1.83
N ARG B 313 -28.44 -14.78 -0.99
CA ARG B 313 -27.47 -15.33 -0.03
C ARG B 313 -27.73 -14.65 1.32
N LYS B 314 -28.79 -15.10 2.00
CA LYS B 314 -29.18 -14.53 3.28
C LYS B 314 -28.15 -14.83 4.38
N ASP B 315 -27.65 -16.07 4.41
CA ASP B 315 -26.73 -16.53 5.46
C ASP B 315 -25.47 -15.68 5.56
N THR B 316 -24.96 -15.20 4.44
CA THR B 316 -23.74 -14.39 4.45
C THR B 316 -24.02 -12.90 4.62
N LYS B 317 -25.19 -12.41 4.18
CA LYS B 317 -25.44 -10.99 4.06
C LYS B 317 -26.66 -10.56 4.86
N GLU B 318 -26.43 -9.81 5.93
CA GLU B 318 -27.51 -9.12 6.63
C GLU B 318 -28.04 -7.97 5.77
N ILE B 319 -29.35 -7.73 5.87
CA ILE B 319 -29.98 -6.56 5.28
C ILE B 319 -30.67 -5.79 6.40
N TYR B 320 -30.41 -4.49 6.47
CA TYR B 320 -30.94 -3.62 7.51
C TYR B 320 -31.96 -2.68 6.88
N THR B 321 -33.24 -2.99 7.10
CA THR B 321 -34.34 -2.24 6.52
C THR B 321 -34.88 -1.23 7.52
N HIS B 322 -35.16 -0.02 7.04
CA HIS B 322 -35.56 1.06 7.93
C HIS B 322 -36.45 2.03 7.18
N PHE B 323 -37.33 2.70 7.93
CA PHE B 323 -38.25 3.68 7.39
C PHE B 323 -37.73 5.06 7.77
N THR B 324 -37.29 5.82 6.76
CA THR B 324 -36.62 7.11 6.97
C THR B 324 -37.50 8.09 7.73
N CYS B 325 -37.01 8.55 8.87
CA CYS B 325 -37.70 9.51 9.71
C CYS B 325 -37.29 10.93 9.37
N SER B 326 -38.18 11.88 9.69
CA SER B 326 -37.86 13.30 9.54
C SER B 326 -36.71 13.69 10.45
N THR B 327 -36.67 13.15 11.67
CA THR B 327 -35.57 13.38 12.59
C THR B 327 -34.29 12.74 12.05
N ASP B 328 -33.29 13.58 11.79
CA ASP B 328 -31.94 13.16 11.39
C ASP B 328 -31.38 12.08 12.32
N THR B 329 -31.50 12.32 13.64
CA THR B 329 -30.83 11.52 14.66
C THR B 329 -31.19 10.05 14.60
N LYS B 330 -32.47 9.73 14.32
CA LYS B 330 -32.91 8.34 14.20
C LYS B 330 -32.22 7.62 13.05
N ASN B 331 -32.14 8.27 11.89
CA ASN B 331 -31.50 7.66 10.73
C ASN B 331 -30.00 7.49 10.94
N VAL B 332 -29.35 8.52 11.49
CA VAL B 332 -27.91 8.45 11.78
C VAL B 332 -27.63 7.36 12.81
N GLN B 333 -28.48 7.25 13.84
CA GLN B 333 -28.36 6.19 14.84
C GLN B 333 -28.52 4.80 14.23
N PHE B 334 -29.49 4.63 13.33
CA PHE B 334 -29.66 3.33 12.66
C PHE B 334 -28.44 2.97 11.82
N VAL B 335 -27.88 3.95 11.09
CA VAL B 335 -26.64 3.73 10.34
C VAL B 335 -25.50 3.35 11.28
N PHE B 336 -25.40 4.05 12.42
CA PHE B 336 -24.39 3.74 13.44
C PHE B 336 -24.52 2.32 13.96
N ASP B 337 -25.77 1.89 14.23
CA ASP B 337 -26.01 0.54 14.74
C ASP B 337 -25.62 -0.52 13.71
N ALA B 338 -26.04 -0.33 12.46
CA ALA B 338 -25.67 -1.25 11.38
C ALA B 338 -24.15 -1.33 11.21
N VAL B 339 -23.48 -0.17 11.18
CA VAL B 339 -22.03 -0.12 11.07
C VAL B 339 -21.37 -0.79 12.26
N THR B 340 -21.94 -0.60 13.45
CA THR B 340 -21.45 -1.22 14.67
C THR B 340 -21.52 -2.75 14.58
N ASP B 341 -22.63 -3.27 14.03
CA ASP B 341 -22.77 -4.71 13.82
C ASP B 341 -21.74 -5.22 12.82
N VAL B 342 -21.49 -4.46 11.74
CA VAL B 342 -20.48 -4.84 10.75
C VAL B 342 -19.09 -4.87 11.38
N ILE B 343 -18.79 -3.87 12.23
CA ILE B 343 -17.51 -3.82 12.93
C ILE B 343 -17.36 -5.01 13.87
N ILE B 344 -18.45 -5.39 14.55
CA ILE B 344 -18.43 -6.58 15.42
C ILE B 344 -18.15 -7.83 14.60
N LYS B 345 -18.77 -7.94 13.42
CA LYS B 345 -18.54 -9.08 12.53
C LYS B 345 -17.08 -9.15 12.06
N ASN B 346 -16.52 -7.99 11.69
CA ASN B 346 -15.13 -7.93 11.27
C ASN B 346 -14.17 -8.29 12.40
N ASN B 347 -14.45 -7.78 13.62
CA ASN B 347 -13.62 -8.09 14.78
C ASN B 347 -13.67 -9.57 15.12
N LEU B 348 -14.87 -10.18 15.06
CA LEU B 348 -15.00 -11.61 15.32
C LEU B 348 -14.28 -12.44 14.26
N LYS B 349 -14.37 -12.03 12.99
CA LYS B 349 -13.63 -12.72 11.93
C LYS B 349 -12.14 -12.63 12.16
N ASP B 350 -11.65 -11.45 12.58
CA ASP B 350 -10.24 -11.29 12.89
C ASP B 350 -9.85 -12.17 14.07
N CYS B 351 -10.69 -12.21 15.11
CA CYS B 351 -10.48 -13.11 16.24
C CYS B 351 -10.61 -14.56 15.82
N GLY B 352 -11.43 -14.84 14.81
CA GLY B 352 -11.64 -16.20 14.36
C GLY B 352 -12.85 -16.92 14.87
N LEU B 353 -13.76 -16.25 15.59
CA LEU B 353 -14.98 -16.93 16.03
C LEU B 353 -15.86 -17.34 14.85
N PHE B 354 -16.02 -16.47 13.86
CA PHE B 354 -16.82 -16.84 12.67
C PHE B 354 -16.03 -17.75 11.73
N GLN C 19 -33.34 2.69 -44.15
CA GLN C 19 -32.55 2.97 -45.34
C GLN C 19 -31.09 3.20 -45.00
N LEU C 20 -30.84 4.14 -44.07
CA LEU C 20 -29.48 4.45 -43.63
C LEU C 20 -28.83 3.25 -42.96
N ARG C 21 -29.61 2.52 -42.13
CA ARG C 21 -29.10 1.32 -41.47
C ARG C 21 -28.71 0.24 -42.47
N GLN C 22 -29.53 0.08 -43.52
CA GLN C 22 -29.23 -0.89 -44.57
C GLN C 22 -27.94 -0.52 -45.31
N GLU C 23 -27.76 0.78 -45.58
CA GLU C 23 -26.54 1.26 -46.22
C GLU C 23 -25.32 1.02 -45.34
N ALA C 24 -25.45 1.28 -44.03
CA ALA C 24 -24.37 1.01 -43.09
C ALA C 24 -24.00 -0.47 -43.05
N GLU C 25 -25.02 -1.35 -43.02
CA GLU C 25 -24.78 -2.79 -43.06
C GLU C 25 -24.09 -3.22 -44.35
N GLN C 26 -24.50 -2.62 -45.48
CA GLN C 26 -23.86 -2.91 -46.76
C GLN C 26 -22.40 -2.50 -46.76
N LEU C 27 -22.10 -1.32 -46.19
CA LEU C 27 -20.72 -0.86 -46.09
C LEU C 27 -19.89 -1.78 -45.20
N LYS C 28 -20.47 -2.23 -44.07
CA LYS C 28 -19.77 -3.16 -43.18
C LYS C 28 -19.50 -4.49 -43.88
N ASN C 29 -20.48 -4.97 -44.66
CA ASN C 29 -20.30 -6.20 -45.43
C ASN C 29 -19.20 -6.04 -46.48
N GLN C 30 -19.15 -4.88 -47.14
CA GLN C 30 -18.10 -4.60 -48.12
C GLN C 30 -16.72 -4.59 -47.46
N ILE C 31 -16.62 -3.97 -46.28
CA ILE C 31 -15.37 -3.93 -45.53
C ILE C 31 -14.95 -5.34 -45.12
N ARG C 32 -15.91 -6.16 -44.68
CA ARG C 32 -15.64 -7.55 -44.31
C ARG C 32 -15.16 -8.37 -45.51
N ASP C 33 -15.79 -8.16 -46.67
CA ASP C 33 -15.37 -8.84 -47.89
C ASP C 33 -13.95 -8.44 -48.29
N ALA C 34 -13.64 -7.15 -48.16
CA ALA C 34 -12.29 -6.66 -48.45
C ALA C 34 -11.27 -7.29 -47.50
N ARG C 35 -11.63 -7.41 -46.21
CA ARG C 35 -10.74 -8.04 -45.24
C ARG C 35 -10.51 -9.52 -45.57
N LYS C 36 -11.58 -10.23 -45.95
CA LYS C 36 -11.47 -11.65 -46.29
C LYS C 36 -10.63 -11.86 -47.54
N ALA C 37 -10.87 -11.06 -48.58
CA ALA C 37 -10.09 -11.16 -49.82
C ALA C 37 -8.64 -10.79 -49.58
N CYS C 38 -8.41 -9.76 -48.76
CA CYS C 38 -7.06 -9.26 -48.48
C CYS C 38 -6.20 -10.32 -47.79
N ALA C 39 -6.78 -11.07 -46.85
CA ALA C 39 -6.03 -12.07 -46.08
C ALA C 39 -5.88 -13.34 -46.90
N ASP C 40 -4.66 -13.63 -47.34
CA ASP C 40 -4.38 -14.82 -48.13
C ASP C 40 -3.60 -15.88 -47.36
N ALA C 41 -2.55 -15.48 -46.64
CA ALA C 41 -1.72 -16.41 -45.89
C ALA C 41 -1.87 -16.16 -44.39
N THR C 42 -2.16 -17.22 -43.64
CA THR C 42 -2.31 -17.13 -42.19
C THR C 42 -0.97 -16.78 -41.55
N LEU C 43 -1.01 -15.93 -40.52
CA LEU C 43 0.20 -15.55 -39.78
C LEU C 43 0.85 -16.75 -39.10
N SER C 44 0.03 -17.66 -38.55
CA SER C 44 0.55 -18.85 -37.87
C SER C 44 1.36 -19.73 -38.81
N GLN C 45 0.87 -19.91 -40.05
CA GLN C 45 1.59 -20.72 -41.03
C GLN C 45 2.93 -20.11 -41.40
N ILE C 46 2.97 -18.79 -41.60
CA ILE C 46 4.22 -18.10 -41.92
C ILE C 46 5.21 -18.17 -40.76
N THR C 47 4.71 -18.01 -39.53
CA THR C 47 5.54 -18.03 -38.34
C THR C 47 5.85 -19.44 -37.85
N ASN C 48 5.28 -20.48 -38.47
CA ASN C 48 5.54 -21.86 -38.05
C ASN C 48 7.01 -22.22 -38.19
N ASN C 49 7.66 -21.80 -39.27
CA ASN C 49 9.06 -22.15 -39.51
C ASN C 49 10.05 -21.43 -38.58
N ILE C 50 9.66 -20.33 -37.94
CA ILE C 50 10.58 -19.63 -37.04
C ILE C 50 10.85 -20.49 -35.81
N ASP C 51 12.10 -20.44 -35.33
CA ASP C 51 12.49 -21.23 -34.17
C ASP C 51 11.73 -20.77 -32.92
N PRO C 52 11.27 -21.71 -32.09
CA PRO C 52 10.53 -21.34 -30.88
C PRO C 52 11.45 -20.76 -29.81
N VAL C 53 10.84 -20.00 -28.90
CA VAL C 53 11.57 -19.39 -27.79
C VAL C 53 11.64 -20.31 -26.58
N GLY C 54 11.01 -21.48 -26.65
CA GLY C 54 11.03 -22.43 -25.53
C GLY C 54 10.34 -21.89 -24.30
N ARG C 55 11.01 -21.97 -23.16
CA ARG C 55 10.47 -21.55 -21.88
C ARG C 55 11.24 -20.34 -21.38
N ILE C 56 10.50 -19.31 -20.98
CA ILE C 56 11.07 -18.07 -20.45
C ILE C 56 10.79 -18.02 -18.95
N GLN C 57 11.85 -17.86 -18.16
CA GLN C 57 11.75 -17.80 -16.70
C GLN C 57 12.35 -16.48 -16.23
N MET C 58 11.55 -15.70 -15.52
CA MET C 58 11.98 -14.40 -15.01
C MET C 58 11.91 -14.43 -13.48
N ARG C 59 13.04 -14.20 -12.85
CA ARG C 59 13.15 -14.22 -11.39
C ARG C 59 12.87 -12.83 -10.81
N THR C 60 12.20 -12.82 -9.66
CA THR C 60 11.93 -11.58 -8.93
C THR C 60 13.23 -10.89 -8.54
N ARG C 61 13.30 -9.58 -8.77
CA ARG C 61 14.45 -8.77 -8.41
C ARG C 61 14.16 -7.82 -7.25
N ARG C 62 13.05 -7.09 -7.33
CA ARG C 62 12.69 -6.11 -6.32
C ARG C 62 11.24 -6.30 -5.89
N THR C 63 10.97 -6.07 -4.62
CA THR C 63 9.63 -6.09 -4.07
C THR C 63 9.36 -4.74 -3.42
N LEU C 64 8.27 -4.10 -3.83
CA LEU C 64 7.92 -2.77 -3.35
C LEU C 64 6.72 -2.88 -2.42
N ARG C 65 6.81 -2.25 -1.24
CA ARG C 65 5.78 -2.33 -0.21
C ARG C 65 5.39 -0.92 0.25
N GLY C 66 4.47 -0.87 1.22
CA GLY C 66 4.03 0.39 1.79
C GLY C 66 2.81 1.03 1.14
N HIS C 67 2.26 0.43 0.08
CA HIS C 67 1.06 0.97 -0.55
C HIS C 67 -0.16 0.87 0.36
N LEU C 68 -0.37 -0.30 0.96
CA LEU C 68 -1.46 -0.62 1.91
C LEU C 68 -2.85 -0.50 1.28
N ALA C 69 -2.96 -0.63 -0.03
CA ALA C 69 -4.23 -0.59 -0.75
C ALA C 69 -4.01 -1.20 -2.13
N LYS C 70 -5.13 -1.50 -2.79
CA LYS C 70 -5.08 -2.15 -4.11
C LYS C 70 -4.54 -1.21 -5.19
N ILE C 71 -3.30 -1.48 -5.60
CA ILE C 71 -2.67 -0.72 -6.68
C ILE C 71 -3.43 -0.93 -7.97
N TYR C 72 -3.66 0.15 -8.72
CA TYR C 72 -4.32 -0.01 -10.01
C TYR C 72 -3.47 0.34 -11.23
N ALA C 73 -2.51 1.25 -11.10
CA ALA C 73 -1.82 1.75 -12.27
C ALA C 73 -0.34 1.97 -11.98
N MET C 74 0.51 1.45 -12.87
CA MET C 74 1.93 1.76 -12.84
C MET C 74 2.40 2.17 -14.24
N HIS C 75 3.28 3.17 -14.30
CA HIS C 75 3.83 3.61 -15.57
C HIS C 75 5.32 3.86 -15.43
N TRP C 76 6.11 3.27 -16.33
CA TRP C 76 7.55 3.45 -16.33
C TRP C 76 7.95 4.79 -16.95
N GLY C 77 9.02 5.37 -16.40
CA GLY C 77 9.66 6.50 -17.05
C GLY C 77 10.57 6.08 -18.19
N THR C 78 11.05 7.08 -18.92
CA THR C 78 11.95 6.84 -20.04
C THR C 78 13.41 6.67 -19.61
N ASP C 79 13.73 6.94 -18.35
CA ASP C 79 15.07 6.70 -17.84
C ASP C 79 15.28 5.27 -17.38
N SER C 80 14.20 4.46 -17.37
CA SER C 80 14.16 3.04 -17.04
C SER C 80 14.42 2.76 -15.57
N ARG C 81 14.41 3.78 -14.72
CA ARG C 81 14.72 3.63 -13.31
C ARG C 81 13.59 4.09 -12.40
N LEU C 82 12.96 5.23 -12.70
CA LEU C 82 11.83 5.70 -11.92
C LEU C 82 10.53 5.12 -12.45
N LEU C 83 9.59 4.91 -11.55
CA LEU C 83 8.26 4.47 -11.96
C LEU C 83 7.21 5.04 -11.01
N VAL C 84 6.05 5.36 -11.56
CA VAL C 84 4.95 5.92 -10.78
C VAL C 84 3.96 4.79 -10.51
N SER C 85 3.25 4.89 -9.38
CA SER C 85 2.27 3.89 -8.99
C SER C 85 1.10 4.56 -8.31
N ALA C 86 -0.10 4.05 -8.56
CA ALA C 86 -1.34 4.64 -8.05
C ALA C 86 -2.03 3.65 -7.12
N SER C 87 -2.39 4.11 -5.93
CA SER C 87 -3.02 3.26 -4.93
C SER C 87 -4.34 3.88 -4.49
N GLN C 88 -5.20 3.05 -3.89
CA GLN C 88 -6.54 3.48 -3.50
C GLN C 88 -6.62 4.04 -2.09
N ASP C 89 -5.49 4.35 -1.46
CA ASP C 89 -5.48 5.09 -0.22
C ASP C 89 -5.39 6.60 -0.46
N GLY C 90 -5.31 7.01 -1.73
CA GLY C 90 -5.11 8.41 -2.06
C GLY C 90 -3.66 8.76 -2.25
N LYS C 91 -2.82 7.81 -2.62
CA LYS C 91 -1.39 8.03 -2.82
C LYS C 91 -0.95 7.71 -4.24
N LEU C 92 -0.12 8.59 -4.79
CA LEU C 92 0.76 8.26 -5.89
C LEU C 92 2.16 8.14 -5.34
N ILE C 93 2.82 7.02 -5.60
CA ILE C 93 4.18 6.81 -5.11
C ILE C 93 5.10 6.71 -6.31
N ILE C 94 6.17 7.50 -6.29
CA ILE C 94 7.19 7.47 -7.32
C ILE C 94 8.40 6.76 -6.73
N TRP C 95 8.83 5.71 -7.42
CA TRP C 95 9.77 4.72 -6.93
C TRP C 95 11.07 4.76 -7.70
N ASP C 96 12.18 4.63 -6.97
CA ASP C 96 13.48 4.28 -7.52
C ASP C 96 13.54 2.75 -7.54
N SER C 97 13.55 2.17 -8.75
CA SER C 97 13.47 0.72 -8.86
C SER C 97 14.77 0.01 -8.53
N TYR C 98 15.92 0.69 -8.67
CA TYR C 98 17.20 0.04 -8.42
C TYR C 98 17.49 -0.09 -6.93
N THR C 99 17.13 0.93 -6.15
CA THR C 99 17.50 0.98 -4.73
C THR C 99 16.37 0.59 -3.78
N THR C 100 15.13 0.48 -4.28
CA THR C 100 13.86 0.13 -3.61
C THR C 100 13.33 1.35 -2.80
N ASN C 101 14.10 2.43 -2.71
CA ASN C 101 13.68 3.61 -1.99
C ASN C 101 12.51 4.31 -2.68
N LYS C 102 11.67 4.94 -1.86
CA LYS C 102 10.58 5.76 -2.37
C LYS C 102 11.09 7.17 -2.65
N VAL C 103 10.82 7.67 -3.85
CA VAL C 103 11.28 8.99 -4.25
C VAL C 103 10.24 10.06 -3.94
N HIS C 104 8.98 9.80 -4.27
CA HIS C 104 7.92 10.78 -4.00
C HIS C 104 6.68 10.08 -3.46
N ALA C 105 5.92 10.83 -2.66
CA ALA C 105 4.66 10.36 -2.08
C ALA C 105 3.66 11.51 -2.16
N ILE C 106 2.77 11.43 -3.15
CA ILE C 106 1.85 12.51 -3.48
C ILE C 106 0.49 12.16 -2.88
N PRO C 107 0.00 12.90 -1.89
CA PRO C 107 -1.40 12.72 -1.45
C PRO C 107 -2.36 13.27 -2.49
N LEU C 108 -3.41 12.52 -2.75
CA LEU C 108 -4.35 12.84 -3.82
C LEU C 108 -5.62 13.47 -3.28
N ARG C 109 -6.21 14.37 -4.07
CA ARG C 109 -7.46 14.99 -3.68
C ARG C 109 -8.61 14.01 -3.77
N SER C 110 -8.59 13.14 -4.79
CA SER C 110 -9.61 12.12 -4.99
C SER C 110 -9.07 10.78 -4.52
N SER C 111 -9.80 10.13 -3.61
CA SER C 111 -9.37 8.85 -3.06
C SER C 111 -9.31 7.76 -4.13
N TRP C 112 -10.28 7.75 -5.04
CA TRP C 112 -10.38 6.68 -6.04
C TRP C 112 -9.64 7.12 -7.30
N VAL C 113 -8.56 6.42 -7.63
CA VAL C 113 -7.74 6.71 -8.81
C VAL C 113 -7.57 5.43 -9.63
N MET C 114 -7.96 5.48 -10.90
CA MET C 114 -7.90 4.32 -11.79
C MET C 114 -6.76 4.36 -12.80
N THR C 115 -5.98 5.43 -12.87
CA THR C 115 -4.88 5.50 -13.84
C THR C 115 -3.83 6.50 -13.37
N CYS C 116 -2.63 6.37 -13.93
CA CYS C 116 -1.54 7.29 -13.60
C CYS C 116 -0.48 7.24 -14.69
N ALA C 117 -0.17 8.39 -15.27
CA ALA C 117 0.79 8.52 -16.36
C ALA C 117 2.03 9.28 -15.93
N TYR C 118 3.19 8.73 -16.23
CA TYR C 118 4.48 9.37 -15.93
C TYR C 118 4.98 9.99 -17.23
N ALA C 119 5.28 11.29 -17.21
CA ALA C 119 5.74 11.99 -18.39
C ALA C 119 7.10 11.46 -18.86
N PRO C 120 7.35 11.47 -20.18
CA PRO C 120 8.67 11.01 -20.68
C PRO C 120 9.82 11.84 -20.14
N SER C 121 9.66 13.16 -20.09
CA SER C 121 10.67 14.01 -19.46
C SER C 121 10.75 13.73 -17.96
N GLY C 122 9.62 13.43 -17.33
CA GLY C 122 9.55 13.20 -15.91
C GLY C 122 9.21 14.44 -15.10
N ASN C 123 8.97 15.58 -15.76
CA ASN C 123 8.62 16.81 -15.08
C ASN C 123 7.27 16.71 -14.38
N TYR C 124 6.29 16.06 -15.01
CA TYR C 124 4.92 16.03 -14.49
C TYR C 124 4.41 14.60 -14.36
N VAL C 125 3.44 14.43 -13.44
CA VAL C 125 2.76 13.16 -13.22
C VAL C 125 1.26 13.41 -13.37
N ALA C 126 0.59 12.57 -14.15
CA ALA C 126 -0.83 12.71 -14.41
C ALA C 126 -1.57 11.54 -13.80
N CYS C 127 -2.62 11.82 -13.06
CA CYS C 127 -3.45 10.77 -12.49
C CYS C 127 -4.91 11.10 -12.77
N GLY C 128 -5.78 10.13 -12.53
CA GLY C 128 -7.19 10.35 -12.78
C GLY C 128 -7.98 9.15 -12.32
N GLY C 129 -9.29 9.35 -12.21
CA GLY C 129 -10.15 8.27 -11.82
C GLY C 129 -11.63 8.61 -11.89
N LEU C 130 -12.34 8.24 -10.84
CA LEU C 130 -13.79 8.37 -10.74
C LEU C 130 -14.25 9.79 -10.43
N ASP C 131 -13.33 10.74 -10.22
CA ASP C 131 -13.69 12.11 -9.90
C ASP C 131 -13.97 12.99 -11.11
N ASN C 132 -13.73 12.46 -12.32
CA ASN C 132 -13.93 13.09 -13.64
C ASN C 132 -12.85 14.12 -13.93
N ILE C 133 -11.75 14.10 -13.18
CA ILE C 133 -10.69 15.09 -13.28
C ILE C 133 -9.39 14.35 -13.61
N CYS C 134 -8.55 14.97 -14.44
CA CYS C 134 -7.19 14.49 -14.65
C CYS C 134 -6.23 15.50 -14.01
N SER C 135 -5.49 15.04 -13.00
CA SER C 135 -4.65 15.94 -12.20
C SER C 135 -3.19 15.81 -12.63
N ILE C 136 -2.59 16.96 -12.94
CA ILE C 136 -1.19 17.08 -13.35
C ILE C 136 -0.44 17.67 -12.17
N TYR C 137 0.61 16.96 -11.74
CA TYR C 137 1.46 17.32 -10.61
C TYR C 137 2.85 17.65 -11.12
N ASN C 138 3.34 18.84 -10.78
CA ASN C 138 4.71 19.24 -11.12
C ASN C 138 5.70 18.65 -10.12
N LEU C 139 6.75 18.00 -10.64
CA LEU C 139 7.77 17.39 -9.79
C LEU C 139 9.08 18.17 -9.77
N LYS C 140 9.23 19.18 -10.61
CA LYS C 140 10.47 19.95 -10.69
C LYS C 140 10.33 21.33 -10.07
N THR C 141 9.31 21.52 -9.21
CA THR C 141 9.08 22.80 -8.57
C THR C 141 10.25 23.22 -7.69
N ARG C 142 10.57 24.52 -7.74
CA ARG C 142 11.64 25.08 -6.91
C ARG C 142 11.30 24.96 -5.43
N GLU C 143 10.02 25.11 -5.10
CA GLU C 143 9.54 25.03 -3.71
C GLU C 143 9.84 23.67 -3.10
N GLY C 144 9.73 22.60 -3.89
CA GLY C 144 10.05 21.26 -3.44
C GLY C 144 8.90 20.43 -2.92
N ASN C 145 7.67 20.94 -2.93
CA ASN C 145 6.50 20.18 -2.54
C ASN C 145 5.65 19.87 -3.77
N VAL C 146 5.35 18.58 -3.98
CA VAL C 146 4.56 18.21 -5.15
C VAL C 146 3.13 18.67 -4.90
N ARG C 147 2.72 19.71 -5.62
CA ARG C 147 1.38 20.28 -5.53
C ARG C 147 0.68 20.16 -6.87
N VAL C 148 -0.65 20.28 -6.83
CA VAL C 148 -1.47 20.17 -8.03
C VAL C 148 -1.14 21.32 -8.99
N SER C 149 -0.65 20.98 -10.17
CA SER C 149 -0.31 21.99 -11.17
C SER C 149 -1.54 22.32 -12.01
N ARG C 150 -2.12 21.31 -12.67
CA ARG C 150 -3.25 21.59 -13.56
C ARG C 150 -4.33 20.53 -13.44
N GLU C 151 -5.59 20.96 -13.33
CA GLU C 151 -6.72 20.04 -13.27
C GLU C 151 -7.48 20.09 -14.57
N LEU C 152 -7.55 18.94 -15.25
CA LEU C 152 -8.27 18.74 -16.50
C LEU C 152 -9.69 18.30 -16.14
N ALA C 153 -10.56 19.29 -15.96
CA ALA C 153 -11.96 19.08 -15.63
C ALA C 153 -12.81 19.26 -16.88
N GLY C 154 -13.66 18.28 -17.17
CA GLY C 154 -14.47 18.34 -18.37
C GLY C 154 -15.01 17.01 -18.86
N HIS C 155 -14.59 15.91 -18.22
CA HIS C 155 -15.07 14.59 -18.60
C HIS C 155 -16.38 14.29 -17.87
N THR C 156 -17.26 13.55 -18.56
CA THR C 156 -18.54 13.18 -17.97
C THR C 156 -18.49 11.79 -17.34
N GLY C 157 -17.53 10.95 -17.73
CA GLY C 157 -17.34 9.65 -17.14
C GLY C 157 -15.99 9.55 -16.45
N TYR C 158 -15.77 8.39 -15.83
CA TYR C 158 -14.55 8.15 -15.05
C TYR C 158 -13.33 8.12 -15.97
N LEU C 159 -12.22 8.65 -15.46
CA LEU C 159 -10.97 8.60 -16.22
C LEU C 159 -10.40 7.19 -16.15
N SER C 160 -10.15 6.59 -17.31
CA SER C 160 -9.71 5.21 -17.36
C SER C 160 -8.24 5.06 -17.77
N CYS C 161 -7.76 5.90 -18.68
CA CYS C 161 -6.35 5.87 -19.06
C CYS C 161 -5.94 7.27 -19.51
N CYS C 162 -4.66 7.57 -19.32
CA CYS C 162 -4.07 8.83 -19.73
C CYS C 162 -2.61 8.57 -20.06
N ARG C 163 -2.10 9.25 -21.10
CA ARG C 163 -0.71 9.12 -21.51
C ARG C 163 -0.20 10.47 -22.03
N PHE C 164 0.94 10.92 -21.51
CA PHE C 164 1.57 12.14 -22.02
C PHE C 164 2.16 11.92 -23.41
N LEU C 165 1.96 12.91 -24.28
CA LEU C 165 2.72 12.99 -25.53
C LEU C 165 3.92 13.90 -25.35
N ASP C 166 3.69 15.12 -24.90
CA ASP C 166 4.74 16.07 -24.55
C ASP C 166 4.51 16.55 -23.13
N ASP C 167 5.24 17.56 -22.70
CA ASP C 167 4.99 18.16 -21.39
C ASP C 167 3.83 19.15 -21.41
N ASN C 168 3.18 19.35 -22.56
CA ASN C 168 2.07 20.29 -22.66
C ASN C 168 0.79 19.67 -23.20
N GLN C 169 0.83 18.45 -23.74
CA GLN C 169 -0.33 17.85 -24.38
C GLN C 169 -0.50 16.42 -23.88
N ILE C 170 -1.75 16.03 -23.62
CA ILE C 170 -2.04 14.72 -23.05
C ILE C 170 -3.33 14.16 -23.65
N VAL C 171 -3.34 12.84 -23.90
CA VAL C 171 -4.53 12.15 -24.36
C VAL C 171 -5.10 11.35 -23.18
N THR C 172 -6.39 11.55 -22.91
CA THR C 172 -7.07 10.88 -21.82
C THR C 172 -8.29 10.16 -22.36
N SER C 173 -8.62 9.03 -21.74
CA SER C 173 -9.85 8.31 -22.06
C SER C 173 -10.79 8.32 -20.86
N SER C 174 -12.08 8.31 -21.16
CA SER C 174 -13.09 8.51 -20.13
C SER C 174 -14.26 7.55 -20.34
N GLY C 175 -15.07 7.43 -19.30
CA GLY C 175 -16.26 6.59 -19.31
C GLY C 175 -17.49 7.25 -19.91
N ASP C 176 -17.31 8.33 -20.67
CA ASP C 176 -18.38 8.96 -21.42
C ASP C 176 -18.35 8.60 -22.91
N THR C 177 -17.58 7.56 -23.26
CA THR C 177 -17.41 6.91 -24.60
C THR C 177 -16.47 7.72 -25.46
N THR C 178 -15.84 8.77 -24.94
CA THR C 178 -15.01 9.67 -25.72
C THR C 178 -13.56 9.64 -25.23
N CYS C 179 -12.68 10.15 -26.08
CA CYS C 179 -11.30 10.43 -25.73
C CYS C 179 -11.03 11.92 -25.96
N ALA C 180 -10.04 12.46 -25.26
CA ALA C 180 -9.77 13.87 -25.41
C ALA C 180 -8.27 14.16 -25.43
N LEU C 181 -7.92 15.19 -26.20
CA LEU C 181 -6.58 15.76 -26.27
C LEU C 181 -6.62 17.10 -25.53
N TRP C 182 -5.96 17.15 -24.38
CA TRP C 182 -5.95 18.27 -23.46
C TRP C 182 -4.63 19.02 -23.53
N ASP C 183 -4.72 20.35 -23.56
CA ASP C 183 -3.57 21.24 -23.49
C ASP C 183 -3.41 21.66 -22.04
N ILE C 184 -2.27 21.32 -21.44
CA ILE C 184 -2.05 21.55 -20.01
C ILE C 184 -2.04 23.05 -19.68
N GLU C 185 -1.32 23.84 -20.48
CA GLU C 185 -1.26 25.29 -20.23
C GLU C 185 -2.61 25.95 -20.45
N THR C 186 -3.33 25.57 -21.51
CA THR C 186 -4.65 26.14 -21.79
C THR C 186 -5.66 25.74 -20.72
N GLY C 187 -5.62 24.49 -20.28
CA GLY C 187 -6.59 23.99 -19.33
C GLY C 187 -7.89 23.53 -19.94
N GLN C 188 -7.94 23.41 -21.27
CA GLN C 188 -9.13 22.99 -21.98
C GLN C 188 -8.77 21.85 -22.93
N GLN C 189 -9.77 21.10 -23.35
CA GLN C 189 -9.56 19.97 -24.25
C GLN C 189 -9.52 20.46 -25.69
N THR C 190 -8.34 20.39 -26.30
CA THR C 190 -8.18 20.86 -27.67
C THR C 190 -8.96 20.00 -28.66
N THR C 191 -8.95 18.67 -28.47
CA THR C 191 -9.57 17.80 -29.45
C THR C 191 -10.46 16.77 -28.75
N THR C 192 -11.63 16.52 -29.34
CA THR C 192 -12.58 15.53 -28.84
C THR C 192 -12.68 14.40 -29.86
N PHE C 193 -12.63 13.15 -29.37
CA PHE C 193 -12.74 11.96 -30.21
C PHE C 193 -13.99 11.21 -29.74
N THR C 194 -15.04 11.21 -30.56
CA THR C 194 -16.33 10.60 -30.20
C THR C 194 -16.75 9.64 -31.32
N GLY C 195 -16.23 8.41 -31.25
CA GLY C 195 -16.64 7.38 -32.18
C GLY C 195 -17.14 6.12 -31.51
N HIS C 196 -16.64 5.86 -30.31
CA HIS C 196 -17.00 4.67 -29.55
C HIS C 196 -18.44 4.74 -29.05
N THR C 197 -19.04 3.57 -28.86
CA THR C 197 -20.38 3.45 -28.29
C THR C 197 -20.37 2.89 -26.88
N GLY C 198 -19.20 2.50 -26.37
CA GLY C 198 -19.08 2.03 -25.00
C GLY C 198 -17.95 2.76 -24.31
N ASP C 199 -17.82 2.51 -23.00
CA ASP C 199 -16.76 3.11 -22.20
C ASP C 199 -15.39 2.74 -22.74
N VAL C 200 -14.54 3.75 -22.91
CA VAL C 200 -13.19 3.54 -23.43
C VAL C 200 -12.29 3.19 -22.26
N MET C 201 -11.75 1.97 -22.28
CA MET C 201 -11.08 1.43 -21.09
C MET C 201 -9.57 1.64 -21.09
N SER C 202 -8.96 1.89 -22.24
CA SER C 202 -7.51 2.02 -22.31
C SER C 202 -7.14 2.78 -23.57
N LEU C 203 -5.89 3.24 -23.62
CA LEU C 203 -5.35 3.90 -24.79
C LEU C 203 -3.84 3.68 -24.79
N SER C 204 -3.26 3.72 -25.99
CA SER C 204 -1.83 3.53 -26.17
C SER C 204 -1.32 4.50 -27.22
N LEU C 205 -0.17 5.08 -26.95
CA LEU C 205 0.46 6.01 -27.89
C LEU C 205 1.52 5.30 -28.70
N ALA C 206 1.57 5.60 -29.99
CA ALA C 206 2.57 5.04 -30.87
C ALA C 206 3.90 5.77 -30.65
N PRO C 207 5.03 5.19 -31.08
CA PRO C 207 6.32 5.90 -30.92
C PRO C 207 6.42 7.24 -31.65
N ASP C 208 5.90 7.33 -32.88
CA ASP C 208 5.86 8.62 -33.57
C ASP C 208 4.93 9.62 -32.88
N THR C 209 3.86 9.12 -32.23
CA THR C 209 2.81 9.81 -31.45
C THR C 209 1.79 10.48 -32.35
N ARG C 210 1.85 10.23 -33.66
CA ARG C 210 0.91 10.84 -34.59
C ARG C 210 -0.46 10.17 -34.55
N LEU C 211 -0.54 8.94 -34.02
CA LEU C 211 -1.78 8.19 -33.94
C LEU C 211 -1.86 7.52 -32.58
N PHE C 212 -3.08 7.18 -32.16
CA PHE C 212 -3.25 6.41 -30.93
C PHE C 212 -4.47 5.52 -31.04
N VAL C 213 -4.33 4.27 -30.67
CA VAL C 213 -5.43 3.32 -30.70
C VAL C 213 -6.01 3.17 -29.29
N SER C 214 -7.33 3.04 -29.21
CA SER C 214 -8.02 2.90 -27.93
C SER C 214 -9.12 1.85 -28.06
N GLY C 215 -9.30 1.04 -27.02
CA GLY C 215 -10.32 0.01 -27.01
C GLY C 215 -11.44 0.35 -26.05
N ALA C 216 -12.66 -0.09 -26.40
CA ALA C 216 -13.84 0.30 -25.65
C ALA C 216 -14.66 -0.93 -25.24
N CYS C 217 -15.77 -0.66 -24.55
CA CYS C 217 -16.68 -1.69 -24.03
C CYS C 217 -17.71 -2.13 -25.05
N ASP C 218 -17.50 -1.85 -26.34
CA ASP C 218 -18.31 -2.39 -27.41
C ASP C 218 -17.60 -3.49 -28.17
N ALA C 219 -16.47 -3.96 -27.61
CA ALA C 219 -15.59 -5.02 -28.14
C ALA C 219 -14.82 -4.56 -29.38
N SER C 220 -14.70 -3.26 -29.57
CA SER C 220 -13.98 -2.70 -30.71
C SER C 220 -12.89 -1.75 -30.24
N ALA C 221 -11.86 -1.63 -31.07
CA ALA C 221 -10.80 -0.65 -30.90
C ALA C 221 -10.82 0.31 -32.09
N LYS C 222 -10.38 1.54 -31.86
CA LYS C 222 -10.38 2.55 -32.90
C LYS C 222 -9.04 3.28 -32.90
N LEU C 223 -8.58 3.64 -34.09
CA LEU C 223 -7.33 4.36 -34.28
C LEU C 223 -7.66 5.82 -34.58
N TRP C 224 -7.15 6.72 -33.75
CA TRP C 224 -7.47 8.14 -33.81
C TRP C 224 -6.22 8.92 -34.19
N ASP C 225 -6.40 9.89 -35.08
CA ASP C 225 -5.34 10.80 -35.51
C ASP C 225 -5.36 12.03 -34.61
N VAL C 226 -4.23 12.28 -33.93
CA VAL C 226 -4.16 13.37 -32.96
C VAL C 226 -4.29 14.72 -33.65
N ARG C 227 -3.55 14.89 -34.75
CA ARG C 227 -3.54 16.17 -35.46
C ARG C 227 -4.87 16.44 -36.16
N GLU C 228 -5.40 15.44 -36.88
CA GLU C 228 -6.62 15.64 -37.66
C GLU C 228 -7.87 15.58 -36.77
N GLY C 229 -8.00 14.55 -35.96
CA GLY C 229 -9.11 14.43 -35.03
C GLY C 229 -10.19 13.43 -35.40
N MET C 230 -9.96 12.55 -36.37
CA MET C 230 -10.96 11.58 -36.81
C MET C 230 -10.44 10.16 -36.61
N CYS C 231 -11.35 9.20 -36.76
CA CYS C 231 -11.03 7.79 -36.61
C CYS C 231 -10.49 7.23 -37.92
N ARG C 232 -9.25 6.76 -37.90
CA ARG C 232 -8.66 6.20 -39.11
C ARG C 232 -9.14 4.79 -39.39
N GLN C 233 -9.21 3.94 -38.36
CA GLN C 233 -9.48 2.51 -38.54
C GLN C 233 -10.28 2.00 -37.35
N THR C 234 -11.08 0.96 -37.61
CA THR C 234 -11.92 0.33 -36.60
C THR C 234 -11.67 -1.17 -36.63
N PHE C 235 -11.36 -1.75 -35.47
CA PHE C 235 -10.96 -3.13 -35.32
C PHE C 235 -11.98 -3.86 -34.45
N THR C 236 -12.65 -4.85 -35.04
CA THR C 236 -13.59 -5.71 -34.33
C THR C 236 -13.07 -7.14 -34.32
N GLY C 237 -13.66 -7.97 -33.45
CA GLY C 237 -13.26 -9.36 -33.36
C GLY C 237 -13.34 -9.93 -31.97
N HIS C 238 -13.37 -9.06 -30.97
CA HIS C 238 -13.54 -9.48 -29.58
C HIS C 238 -15.02 -9.76 -29.28
N GLU C 239 -15.24 -10.63 -28.32
CA GLU C 239 -16.58 -11.02 -27.90
C GLU C 239 -17.02 -10.29 -26.63
N SER C 240 -16.12 -9.59 -25.96
CA SER C 240 -16.43 -8.94 -24.70
C SER C 240 -15.62 -7.64 -24.61
N ASP C 241 -15.75 -6.97 -23.47
CA ASP C 241 -15.13 -5.67 -23.23
C ASP C 241 -13.60 -5.75 -23.32
N ILE C 242 -13.01 -4.82 -24.06
CA ILE C 242 -11.57 -4.72 -24.21
C ILE C 242 -11.02 -3.89 -23.05
N ASN C 243 -10.14 -4.50 -22.25
CA ASN C 243 -9.62 -3.82 -21.07
C ASN C 243 -8.26 -3.19 -21.28
N ALA C 244 -7.49 -3.65 -22.26
CA ALA C 244 -6.12 -3.20 -22.42
C ALA C 244 -5.72 -3.14 -23.88
N ILE C 245 -4.84 -2.19 -24.18
CA ILE C 245 -4.35 -2.01 -25.54
C ILE C 245 -2.94 -1.44 -25.47
N CYS C 246 -2.06 -1.95 -26.33
CA CYS C 246 -0.68 -1.48 -26.38
C CYS C 246 -0.14 -1.68 -27.79
N PHE C 247 0.62 -0.70 -28.29
CA PHE C 247 1.24 -0.82 -29.60
C PHE C 247 2.43 -1.75 -29.59
N PHE C 248 2.61 -2.45 -30.71
CA PHE C 248 3.85 -3.13 -31.00
C PHE C 248 4.94 -2.07 -31.18
N PRO C 249 6.21 -2.36 -30.78
CA PRO C 249 7.29 -1.34 -30.81
C PRO C 249 7.56 -0.62 -32.13
N ASN C 250 7.12 -1.17 -33.27
CA ASN C 250 7.33 -0.50 -34.55
C ASN C 250 6.20 0.46 -34.92
N GLY C 251 5.12 0.49 -34.13
CA GLY C 251 3.99 1.35 -34.39
C GLY C 251 3.04 0.88 -35.48
N ASN C 252 3.25 -0.31 -36.03
CA ASN C 252 2.40 -0.84 -37.09
C ASN C 252 1.40 -1.88 -36.62
N ALA C 253 1.41 -2.23 -35.33
CA ALA C 253 0.50 -3.24 -34.82
C ALA C 253 0.24 -2.99 -33.34
N PHE C 254 -0.82 -3.61 -32.83
CA PHE C 254 -1.16 -3.47 -31.43
C PHE C 254 -1.90 -4.71 -30.93
N ALA C 255 -1.66 -5.07 -29.67
CA ALA C 255 -2.33 -6.19 -29.03
C ALA C 255 -3.41 -5.69 -28.08
N THR C 256 -4.53 -6.42 -28.05
CA THR C 256 -5.66 -6.10 -27.19
C THR C 256 -5.97 -7.31 -26.31
N GLY C 257 -6.36 -7.06 -25.07
CA GLY C 257 -6.81 -8.11 -24.17
C GLY C 257 -8.23 -7.84 -23.72
N SER C 258 -9.04 -8.90 -23.61
CA SER C 258 -10.45 -8.70 -23.34
C SER C 258 -10.93 -9.66 -22.27
N ASP C 259 -12.17 -9.42 -21.81
CA ASP C 259 -12.79 -10.23 -20.77
C ASP C 259 -13.25 -11.60 -21.25
N ASP C 260 -13.03 -11.94 -22.51
CA ASP C 260 -13.38 -13.25 -23.05
C ASP C 260 -12.22 -14.23 -22.94
N ALA C 261 -11.20 -13.88 -22.14
CA ALA C 261 -9.98 -14.66 -21.92
C ALA C 261 -9.16 -14.82 -23.19
N THR C 262 -9.16 -13.79 -24.04
CA THR C 262 -8.36 -13.82 -25.24
C THR C 262 -7.66 -12.49 -25.45
N CYS C 263 -6.57 -12.57 -26.20
CA CYS C 263 -5.82 -11.41 -26.66
C CYS C 263 -5.71 -11.53 -28.17
N ARG C 264 -5.62 -10.40 -28.84
CA ARG C 264 -5.57 -10.39 -30.29
C ARG C 264 -4.49 -9.43 -30.74
N LEU C 265 -4.00 -9.65 -31.96
CA LEU C 265 -2.99 -8.79 -32.57
C LEU C 265 -3.58 -8.21 -33.85
N PHE C 266 -3.60 -6.88 -33.93
CA PHE C 266 -4.18 -6.18 -35.07
C PHE C 266 -3.09 -5.35 -35.72
N ASP C 267 -2.98 -5.44 -37.04
CA ASP C 267 -2.00 -4.69 -37.81
C ASP C 267 -2.71 -3.52 -38.47
N LEU C 268 -2.18 -2.32 -38.28
CA LEU C 268 -2.83 -1.11 -38.77
C LEU C 268 -2.92 -1.09 -40.29
N ARG C 269 -1.82 -1.43 -40.96
CA ARG C 269 -1.81 -1.47 -42.42
C ARG C 269 -2.68 -2.59 -42.96
N ALA C 270 -2.59 -3.79 -42.37
CA ALA C 270 -3.43 -4.91 -42.78
C ALA C 270 -4.90 -4.67 -42.44
N ASP C 271 -5.17 -4.05 -41.27
CA ASP C 271 -6.52 -3.73 -40.78
C ASP C 271 -7.37 -4.99 -40.57
N GLN C 272 -6.78 -6.00 -39.94
CA GLN C 272 -7.47 -7.25 -39.67
C GLN C 272 -6.79 -7.98 -38.52
N GLU C 273 -7.49 -8.98 -37.97
CA GLU C 273 -7.04 -9.77 -36.83
C GLU C 273 -5.96 -10.74 -37.27
N LEU C 274 -4.70 -10.39 -37.00
CA LEU C 274 -3.58 -11.24 -37.40
C LEU C 274 -3.55 -12.56 -36.64
N MET C 275 -3.70 -12.51 -35.31
CA MET C 275 -3.55 -13.70 -34.49
C MET C 275 -4.32 -13.53 -33.19
N THR C 276 -4.68 -14.65 -32.57
CA THR C 276 -5.41 -14.72 -31.31
C THR C 276 -4.64 -15.59 -30.33
N TYR C 277 -4.46 -15.09 -29.10
CA TYR C 277 -3.74 -15.77 -28.03
C TYR C 277 -4.77 -16.12 -26.96
N SER C 278 -5.15 -17.40 -26.91
CA SER C 278 -6.08 -17.91 -25.92
C SER C 278 -5.65 -19.30 -25.47
N HIS C 279 -5.99 -19.64 -24.22
CA HIS C 279 -5.72 -20.97 -23.69
C HIS C 279 -7.00 -21.46 -23.02
N ASP C 280 -7.29 -22.75 -23.17
CA ASP C 280 -8.54 -23.32 -22.69
C ASP C 280 -8.71 -23.26 -21.17
N ASN C 281 -7.64 -23.54 -20.42
CA ASN C 281 -7.75 -23.61 -18.95
C ASN C 281 -8.12 -22.27 -18.32
N ILE C 282 -7.56 -21.18 -18.84
CA ILE C 282 -7.75 -19.85 -18.27
C ILE C 282 -8.95 -19.18 -18.93
N ILE C 283 -10.02 -18.99 -18.15
CA ILE C 283 -11.23 -18.34 -18.64
C ILE C 283 -11.37 -16.90 -18.14
N CYS C 284 -10.47 -16.44 -17.28
CA CYS C 284 -10.53 -15.10 -16.74
C CYS C 284 -10.07 -14.03 -17.74
N GLY C 285 -10.57 -12.81 -17.55
CA GLY C 285 -10.24 -11.70 -18.43
C GLY C 285 -8.84 -11.14 -18.21
N ILE C 286 -8.33 -10.47 -19.24
CA ILE C 286 -7.00 -9.85 -19.22
C ILE C 286 -7.09 -8.41 -18.75
N THR C 287 -6.40 -8.09 -17.65
CA THR C 287 -6.41 -6.71 -17.15
C THR C 287 -5.54 -5.80 -17.99
N SER C 288 -4.23 -6.06 -18.04
CA SER C 288 -3.31 -5.22 -18.81
C SER C 288 -2.36 -6.03 -19.67
N VAL C 289 -1.93 -5.43 -20.78
CA VAL C 289 -0.99 -6.04 -21.72
C VAL C 289 0.17 -5.07 -21.96
N SER C 290 1.37 -5.63 -22.10
CA SER C 290 2.56 -4.84 -22.38
C SER C 290 3.43 -5.60 -23.37
N PHE C 291 4.34 -4.86 -24.02
CA PHE C 291 5.24 -5.44 -25.01
C PHE C 291 6.69 -5.27 -24.60
N SER C 292 7.51 -6.23 -25.02
CA SER C 292 8.94 -6.21 -24.81
C SER C 292 9.59 -5.27 -25.83
N LYS C 293 10.88 -4.98 -25.63
CA LYS C 293 11.62 -4.10 -26.53
C LYS C 293 11.63 -4.63 -27.96
N SER C 294 11.84 -5.94 -28.13
CA SER C 294 11.80 -6.54 -29.46
C SER C 294 10.39 -6.91 -29.90
N GLY C 295 9.39 -6.82 -29.01
CA GLY C 295 8.05 -7.21 -29.34
C GLY C 295 7.82 -8.70 -29.52
N ARG C 296 8.85 -9.53 -29.36
CA ARG C 296 8.69 -10.98 -29.53
C ARG C 296 7.83 -11.57 -28.42
N LEU C 297 7.94 -11.04 -27.21
CA LEU C 297 7.17 -11.54 -26.07
C LEU C 297 6.07 -10.54 -25.73
N LEU C 298 4.87 -11.06 -25.47
CA LEU C 298 3.73 -10.27 -25.07
C LEU C 298 3.35 -10.70 -23.67
N LEU C 299 3.33 -9.77 -22.73
CA LEU C 299 3.04 -10.09 -21.34
C LEU C 299 1.65 -9.58 -21.01
N ALA C 300 0.78 -10.49 -20.55
CA ALA C 300 -0.58 -10.12 -20.20
C ALA C 300 -0.90 -10.56 -18.78
N GLY C 301 -1.47 -9.66 -17.99
CA GLY C 301 -1.85 -9.98 -16.64
C GLY C 301 -3.27 -10.48 -16.54
N TYR C 302 -3.45 -11.76 -16.24
CA TYR C 302 -4.75 -12.38 -16.15
C TYR C 302 -5.32 -12.20 -14.74
N ASP C 303 -6.57 -12.64 -14.56
CA ASP C 303 -7.23 -12.58 -13.26
C ASP C 303 -7.07 -13.88 -12.48
N ASP C 304 -6.18 -14.76 -12.92
CA ASP C 304 -5.93 -16.05 -12.27
C ASP C 304 -4.82 -15.98 -11.24
N PHE C 305 -4.37 -14.77 -10.90
CA PHE C 305 -3.31 -14.37 -9.96
C PHE C 305 -1.93 -14.53 -10.59
N ASN C 306 -1.87 -14.79 -11.89
CA ASN C 306 -0.61 -14.96 -12.61
C ASN C 306 -0.52 -13.98 -13.77
N CYS C 307 0.66 -13.93 -14.39
CA CYS C 307 0.91 -13.09 -15.56
C CYS C 307 1.58 -13.96 -16.62
N ASN C 308 0.96 -14.09 -17.78
CA ASN C 308 1.50 -14.98 -18.80
C ASN C 308 2.33 -14.24 -19.84
N VAL C 309 3.45 -14.86 -20.22
CA VAL C 309 4.33 -14.39 -21.27
C VAL C 309 4.07 -15.29 -22.47
N TRP C 310 3.54 -14.70 -23.54
CA TRP C 310 3.14 -15.39 -24.76
C TRP C 310 4.10 -15.03 -25.87
N ASP C 311 4.58 -16.03 -26.61
CA ASP C 311 5.39 -15.74 -27.78
C ASP C 311 4.47 -15.18 -28.86
N ALA C 312 4.78 -13.97 -29.33
CA ALA C 312 3.90 -13.28 -30.28
C ALA C 312 3.80 -14.01 -31.60
N LEU C 313 4.93 -14.39 -32.19
CA LEU C 313 4.93 -15.03 -33.50
C LEU C 313 4.39 -16.46 -33.43
N LYS C 314 4.90 -17.27 -32.49
CA LYS C 314 4.52 -18.68 -32.40
C LYS C 314 3.08 -18.88 -31.93
N ALA C 315 2.58 -17.99 -31.06
CA ALA C 315 1.27 -18.00 -30.38
C ALA C 315 1.19 -19.01 -29.25
N ASP C 316 2.32 -19.50 -28.78
CA ASP C 316 2.33 -20.42 -27.65
C ASP C 316 2.56 -19.61 -26.38
N ARG C 317 2.71 -20.30 -25.26
CA ARG C 317 2.93 -19.66 -23.98
C ARG C 317 4.37 -19.90 -23.53
N ALA C 318 5.11 -18.81 -23.34
CA ALA C 318 6.54 -18.90 -23.10
C ALA C 318 6.92 -18.83 -21.62
N GLY C 319 6.06 -18.27 -20.77
CA GLY C 319 6.40 -18.22 -19.37
C GLY C 319 5.24 -17.81 -18.50
N VAL C 320 5.44 -17.94 -17.19
CA VAL C 320 4.43 -17.64 -16.18
C VAL C 320 5.10 -16.88 -15.05
N LEU C 321 4.51 -15.75 -14.66
CA LEU C 321 4.94 -14.94 -13.53
C LEU C 321 3.90 -15.11 -12.44
N ALA C 322 4.17 -16.02 -11.50
CA ALA C 322 3.32 -16.28 -10.36
C ALA C 322 3.95 -15.73 -9.08
N GLY C 323 3.11 -15.30 -8.16
CA GLY C 323 3.61 -14.66 -6.95
C GLY C 323 2.72 -13.57 -6.37
N HIS C 324 1.76 -13.09 -7.15
CA HIS C 324 0.81 -12.08 -6.69
C HIS C 324 -0.41 -12.81 -6.12
N ASP C 325 -0.57 -12.76 -4.80
CA ASP C 325 -1.69 -13.43 -4.15
C ASP C 325 -3.04 -12.84 -4.58
N ASN C 326 -3.15 -11.51 -4.56
CA ASN C 326 -4.38 -10.87 -5.01
C ASN C 326 -4.30 -10.65 -6.51
N ARG C 327 -5.47 -10.35 -7.11
CA ARG C 327 -5.60 -10.23 -8.56
C ARG C 327 -4.75 -9.09 -9.13
N VAL C 328 -4.03 -9.40 -10.22
CA VAL C 328 -3.16 -8.44 -10.90
C VAL C 328 -3.99 -7.32 -11.52
N SER C 329 -3.50 -6.08 -11.41
CA SER C 329 -4.25 -4.96 -11.96
C SER C 329 -3.51 -4.15 -13.01
N CYS C 330 -2.19 -4.26 -13.12
CA CYS C 330 -1.45 -3.49 -14.10
C CYS C 330 -0.09 -4.15 -14.33
N LEU C 331 0.48 -3.91 -15.51
CA LEU C 331 1.72 -4.55 -15.90
C LEU C 331 2.44 -3.65 -16.90
N GLY C 332 3.73 -3.42 -16.68
CA GLY C 332 4.48 -2.57 -17.59
C GLY C 332 5.91 -2.98 -17.80
N VAL C 333 6.32 -3.04 -19.07
CA VAL C 333 7.72 -3.29 -19.42
C VAL C 333 8.42 -1.95 -19.53
N THR C 334 9.63 -1.87 -18.98
CA THR C 334 10.39 -0.63 -18.97
C THR C 334 10.90 -0.29 -20.37
N ASP C 335 11.34 0.97 -20.53
CA ASP C 335 11.67 1.52 -21.84
C ASP C 335 12.81 0.77 -22.53
N ASP C 336 13.84 0.39 -21.80
CA ASP C 336 14.94 -0.36 -22.39
C ASP C 336 14.70 -1.86 -22.38
N GLY C 337 13.57 -2.31 -21.83
CA GLY C 337 13.22 -3.72 -21.86
C GLY C 337 13.95 -4.58 -20.86
N MET C 338 14.57 -3.98 -19.85
CA MET C 338 15.43 -4.69 -18.92
C MET C 338 14.66 -5.33 -17.76
N ALA C 339 13.39 -4.96 -17.56
CA ALA C 339 12.61 -5.53 -16.48
C ALA C 339 11.12 -5.29 -16.74
N VAL C 340 10.29 -6.10 -16.10
CA VAL C 340 8.84 -5.93 -16.16
C VAL C 340 8.34 -5.75 -14.73
N ALA C 341 7.54 -4.72 -14.50
CA ALA C 341 7.00 -4.51 -13.16
C ALA C 341 5.49 -4.70 -13.19
N THR C 342 5.01 -5.54 -12.27
CA THR C 342 3.58 -5.85 -12.18
C THR C 342 3.02 -5.27 -10.89
N GLY C 343 1.83 -4.69 -11.00
CA GLY C 343 1.08 -4.17 -9.88
C GLY C 343 -0.19 -4.98 -9.67
N SER C 344 -0.43 -5.35 -8.42
CA SER C 344 -1.54 -6.19 -8.04
C SER C 344 -2.31 -5.52 -6.90
N TRP C 345 -3.46 -6.10 -6.57
CA TRP C 345 -4.31 -5.57 -5.51
C TRP C 345 -3.86 -5.94 -4.11
N ASP C 346 -2.76 -6.67 -3.96
CA ASP C 346 -2.22 -7.02 -2.65
C ASP C 346 -1.29 -5.95 -2.09
N SER C 347 -1.13 -4.82 -2.80
CA SER C 347 -0.31 -3.64 -2.47
C SER C 347 1.18 -3.92 -2.65
N PHE C 348 1.55 -4.93 -3.43
CA PHE C 348 2.93 -5.27 -3.69
C PHE C 348 3.24 -5.09 -5.17
N LEU C 349 4.26 -4.29 -5.47
CA LEU C 349 4.75 -4.10 -6.84
C LEU C 349 5.96 -5.00 -7.00
N LYS C 350 5.91 -5.92 -7.95
CA LYS C 350 6.99 -6.88 -8.14
C LYS C 350 7.67 -6.70 -9.48
N ILE C 351 9.00 -6.64 -9.46
CA ILE C 351 9.81 -6.50 -10.67
C ILE C 351 10.38 -7.86 -11.03
N TRP C 352 10.15 -8.28 -12.27
CA TRP C 352 10.56 -9.57 -12.81
C TRP C 352 11.61 -9.34 -13.89
N ASN C 353 12.74 -10.04 -13.79
CA ASN C 353 13.78 -9.91 -14.81
C ASN C 353 14.19 -11.31 -15.28
N ILE D 9 -31.00 10.94 -37.24
CA ILE D 9 -30.80 10.81 -38.68
C ILE D 9 -29.42 11.35 -39.04
N ALA D 10 -29.08 12.50 -38.44
CA ALA D 10 -27.78 13.12 -38.68
C ALA D 10 -26.64 12.24 -38.15
N GLN D 11 -26.83 11.65 -36.97
CA GLN D 11 -25.82 10.76 -36.40
C GLN D 11 -25.62 9.53 -37.26
N ALA D 12 -26.71 8.94 -37.77
CA ALA D 12 -26.61 7.80 -38.67
C ALA D 12 -25.90 8.17 -39.98
N ARG D 13 -26.18 9.37 -40.50
CA ARG D 13 -25.50 9.86 -41.70
C ARG D 13 -24.01 10.01 -41.44
N LYS D 14 -23.64 10.54 -40.28
CA LYS D 14 -22.24 10.69 -39.91
C LYS D 14 -21.55 9.33 -39.81
N LEU D 15 -22.23 8.35 -39.20
CA LEU D 15 -21.68 7.01 -39.09
C LEU D 15 -21.49 6.37 -40.46
N VAL D 16 -22.45 6.56 -41.38
CA VAL D 16 -22.33 6.03 -42.74
C VAL D 16 -21.16 6.69 -43.47
N GLU D 17 -20.99 8.01 -43.30
CA GLU D 17 -19.86 8.71 -43.91
C GLU D 17 -18.53 8.22 -43.36
N GLN D 18 -18.48 7.98 -42.04
CA GLN D 18 -17.27 7.44 -41.41
C GLN D 18 -16.94 6.05 -41.95
N LEU D 19 -17.97 5.21 -42.13
CA LEU D 19 -17.76 3.88 -42.71
C LEU D 19 -17.24 3.96 -44.13
N LYS D 20 -17.80 4.90 -44.93
CA LYS D 20 -17.33 5.10 -46.29
C LYS D 20 -15.87 5.55 -46.33
N MET D 21 -15.50 6.47 -45.44
CA MET D 21 -14.11 6.92 -45.35
C MET D 21 -13.18 5.80 -44.94
N GLU D 22 -13.61 4.98 -43.97
CA GLU D 22 -12.81 3.84 -43.51
C GLU D 22 -12.61 2.80 -44.63
N ALA D 23 -13.67 2.53 -45.40
CA ALA D 23 -13.59 1.58 -46.50
C ALA D 23 -12.57 1.99 -47.56
N ASN D 24 -12.46 3.30 -47.83
CA ASN D 24 -11.53 3.82 -48.82
C ASN D 24 -10.15 3.94 -48.16
N ILE D 25 -9.48 2.80 -48.00
CA ILE D 25 -8.17 2.76 -47.39
C ILE D 25 -7.25 1.89 -48.25
N ASP D 26 -5.94 2.10 -48.10
CA ASP D 26 -4.92 1.39 -48.88
C ASP D 26 -4.60 0.07 -48.21
N ARG D 27 -5.38 -0.96 -48.55
CA ARG D 27 -5.16 -2.30 -48.02
C ARG D 27 -3.83 -2.87 -48.53
N ILE D 28 -3.12 -3.58 -47.66
CA ILE D 28 -1.88 -4.26 -48.06
C ILE D 28 -1.98 -5.70 -47.61
N LYS D 29 -1.24 -6.57 -48.30
CA LYS D 29 -1.27 -8.01 -48.04
C LYS D 29 -0.79 -8.33 -46.63
N VAL D 30 -1.46 -9.32 -46.02
CA VAL D 30 -1.13 -9.77 -44.66
C VAL D 30 0.29 -10.34 -44.61
N SER D 31 0.70 -11.06 -45.67
CA SER D 31 2.06 -11.61 -45.79
C SER D 31 3.13 -10.55 -45.60
N LYS D 32 2.95 -9.38 -46.25
CA LYS D 32 3.86 -8.24 -46.11
C LYS D 32 4.01 -7.81 -44.66
N ALA D 33 2.87 -7.56 -43.98
CA ALA D 33 2.87 -7.18 -42.56
C ALA D 33 3.54 -8.24 -41.70
N ALA D 34 3.29 -9.52 -42.01
CA ALA D 34 3.91 -10.63 -41.29
C ALA D 34 5.42 -10.63 -41.45
N ALA D 35 5.89 -10.39 -42.68
CA ALA D 35 7.32 -10.31 -42.94
C ALA D 35 7.96 -9.15 -42.20
N ASP D 36 7.27 -7.99 -42.17
CA ASP D 36 7.76 -6.83 -41.43
C ASP D 36 7.84 -7.12 -39.94
N LEU D 37 6.81 -7.80 -39.40
CA LEU D 37 6.77 -8.14 -37.98
C LEU D 37 7.92 -9.07 -37.61
N MET D 38 8.10 -10.16 -38.39
CA MET D 38 9.19 -11.10 -38.15
C MET D 38 10.55 -10.44 -38.29
N ALA D 39 10.72 -9.58 -39.30
CA ALA D 39 11.98 -8.88 -39.52
C ALA D 39 12.33 -7.98 -38.36
N TYR D 40 11.33 -7.24 -37.84
CA TYR D 40 11.56 -6.37 -36.69
C TYR D 40 11.94 -7.18 -35.45
N CYS D 41 11.23 -8.29 -35.23
CA CYS D 41 11.52 -9.15 -34.07
C CYS D 41 12.92 -9.75 -34.17
N GLU D 42 13.31 -10.23 -35.35
CA GLU D 42 14.64 -10.80 -35.54
C GLU D 42 15.73 -9.73 -35.37
N ALA D 43 15.50 -8.54 -35.93
CA ALA D 43 16.49 -7.47 -35.86
C ALA D 43 16.73 -7.01 -34.42
N HIS D 44 15.66 -6.86 -33.64
CA HIS D 44 15.79 -6.38 -32.27
C HIS D 44 15.82 -7.50 -31.24
N ALA D 45 15.91 -8.76 -31.68
CA ALA D 45 15.91 -9.91 -30.78
C ALA D 45 17.12 -9.91 -29.85
N LYS D 46 18.31 -9.64 -30.40
CA LYS D 46 19.52 -9.59 -29.59
C LYS D 46 19.50 -8.44 -28.60
N GLU D 47 18.97 -7.28 -29.03
CA GLU D 47 18.92 -6.09 -28.18
C GLU D 47 18.05 -6.29 -26.95
N ASP D 48 16.94 -7.02 -27.11
CA ASP D 48 15.95 -7.20 -26.04
C ASP D 48 16.56 -7.92 -24.83
N PRO D 49 16.49 -7.32 -23.64
CA PRO D 49 16.99 -8.01 -22.44
C PRO D 49 16.14 -9.19 -22.01
N LEU D 50 14.81 -9.09 -22.16
CA LEU D 50 13.93 -10.17 -21.70
C LEU D 50 14.15 -11.45 -22.51
N LEU D 51 14.21 -11.33 -23.83
CA LEU D 51 14.38 -12.49 -24.72
C LEU D 51 15.69 -13.23 -24.46
N THR D 52 16.81 -12.51 -24.44
CA THR D 52 18.13 -13.11 -24.24
C THR D 52 18.69 -12.70 -22.89
N PRO D 53 19.12 -13.65 -22.05
CA PRO D 53 19.63 -13.30 -20.71
C PRO D 53 20.88 -12.44 -20.75
N VAL D 54 20.99 -11.56 -19.74
CA VAL D 54 22.08 -10.61 -19.60
C VAL D 54 22.85 -10.96 -18.32
N PRO D 55 24.19 -10.97 -18.36
CA PRO D 55 24.99 -11.22 -17.15
C PRO D 55 24.62 -10.34 -15.97
N ALA D 56 24.62 -10.97 -14.77
CA ALA D 56 24.24 -10.32 -13.51
C ALA D 56 24.99 -9.01 -13.26
N SER D 57 26.30 -8.99 -13.55
CA SER D 57 27.10 -7.77 -13.39
C SER D 57 26.60 -6.67 -14.32
N GLU D 58 26.34 -7.01 -15.58
CA GLU D 58 25.78 -6.05 -16.52
C GLU D 58 24.37 -5.64 -16.12
N ASN D 59 23.60 -6.60 -15.59
CA ASN D 59 22.21 -6.37 -15.20
C ASN D 59 22.14 -5.30 -14.10
N PRO D 60 21.29 -4.28 -14.25
CA PRO D 60 21.16 -3.28 -13.17
C PRO D 60 20.53 -3.84 -11.90
N PHE D 61 19.56 -4.74 -12.04
CA PHE D 61 18.88 -5.29 -10.88
C PHE D 61 19.65 -6.51 -10.38
N ARG D 62 20.02 -6.49 -9.11
CA ARG D 62 20.78 -7.57 -8.49
C ARG D 62 20.22 -7.84 -7.10
N GLU D 63 20.49 -9.05 -6.60
CA GLU D 63 20.02 -9.46 -5.29
C GLU D 63 20.61 -8.57 -4.19
N LYS D 64 19.76 -8.20 -3.23
CA LYS D 64 20.18 -7.36 -2.12
C LYS D 64 20.11 -8.10 -0.80
N VAL E 2 11.06 31.00 -2.40
CA VAL E 2 12.09 30.42 -1.56
C VAL E 2 12.98 31.52 -1.00
N GLN E 3 13.10 31.58 0.33
CA GLN E 3 13.90 32.61 0.97
C GLN E 3 14.44 32.07 2.29
N LEU E 4 15.66 32.49 2.63
CA LEU E 4 16.32 32.14 3.89
C LEU E 4 17.00 33.40 4.40
N VAL E 5 16.74 33.78 5.65
CA VAL E 5 17.42 34.93 6.25
C VAL E 5 17.93 34.53 7.64
N GLU E 6 19.18 34.88 7.92
CA GLU E 6 19.84 34.52 9.17
C GLU E 6 19.97 35.74 10.07
N SER E 7 19.84 35.52 11.38
CA SER E 7 19.99 36.55 12.39
C SER E 7 20.77 36.01 13.57
N GLY E 8 21.30 36.94 14.37
CA GLY E 8 22.12 36.62 15.52
C GLY E 8 23.58 37.03 15.42
N GLY E 9 23.94 37.85 14.44
CA GLY E 9 25.32 38.30 14.28
C GLY E 9 25.83 39.29 15.30
N GLY E 10 26.92 39.97 14.97
CA GLY E 10 27.54 40.93 15.87
C GLY E 10 28.81 40.36 16.50
N LEU E 11 29.39 41.18 17.37
CA LEU E 11 30.67 40.83 18.00
C LEU E 11 30.43 39.95 19.21
N VAL E 12 31.37 39.02 19.44
CA VAL E 12 31.35 38.10 20.57
C VAL E 12 32.78 38.04 21.11
N GLN E 13 32.91 37.88 22.43
CA GLN E 13 34.16 37.70 23.14
C GLN E 13 34.54 36.22 23.10
N PRO E 14 35.83 35.86 22.97
CA PRO E 14 36.23 34.45 23.00
C PRO E 14 35.87 33.76 24.31
N GLY E 15 35.44 32.50 24.19
CA GLY E 15 34.93 31.74 25.31
C GLY E 15 33.47 31.99 25.62
N GLY E 16 32.82 32.94 24.95
CA GLY E 16 31.41 33.21 25.13
C GLY E 16 30.54 32.21 24.40
N SER E 17 29.28 32.60 24.20
CA SER E 17 28.30 31.74 23.54
C SER E 17 27.35 32.61 22.73
N ARG E 18 26.86 32.06 21.62
CA ARG E 18 25.94 32.77 20.74
C ARG E 18 25.03 31.77 20.04
N LYS E 19 23.78 32.16 19.82
CA LYS E 19 22.83 31.36 19.07
C LYS E 19 22.44 32.09 17.80
N LEU E 20 22.68 31.46 16.66
CA LEU E 20 22.18 31.94 15.39
C LEU E 20 20.86 31.27 15.05
N SER E 21 20.03 31.99 14.31
CA SER E 21 18.77 31.41 13.85
C SER E 21 18.50 31.84 12.42
N CYS E 22 18.05 30.90 11.60
CA CYS E 22 17.72 31.16 10.21
C CYS E 22 16.24 30.87 10.02
N SER E 23 15.52 31.86 9.51
CA SER E 23 14.09 31.73 9.25
C SER E 23 13.90 31.52 7.75
N ALA E 24 13.11 30.50 7.43
CA ALA E 24 12.86 30.05 6.07
C ALA E 24 11.42 30.37 5.67
N SER E 25 11.25 30.86 4.45
CA SER E 25 9.91 31.20 3.97
C SER E 25 9.77 30.75 2.53
N GLY E 26 8.55 30.34 2.19
CA GLY E 26 8.22 29.98 0.83
C GLY E 26 8.72 28.64 0.34
N PHE E 27 8.90 27.67 1.23
CA PHE E 27 9.14 26.28 0.82
C PHE E 27 8.85 25.34 1.99
N ALA E 28 8.76 24.06 1.65
CA ALA E 28 8.49 22.96 2.60
C ALA E 28 9.76 22.69 3.41
N PHE E 29 9.95 23.49 4.46
CA PHE E 29 11.14 23.43 5.32
C PHE E 29 11.34 22.04 5.93
N SER E 30 10.24 21.37 6.30
CA SER E 30 10.33 20.08 6.99
C SER E 30 10.88 18.97 6.11
N SER E 31 10.84 19.11 4.78
CA SER E 31 11.29 18.07 3.88
C SER E 31 12.73 18.27 3.38
N PHE E 32 13.37 19.38 3.71
CA PHE E 32 14.75 19.64 3.29
C PHE E 32 15.71 19.42 4.44
N GLY E 33 16.82 18.73 4.14
CA GLY E 33 17.97 18.78 5.03
C GLY E 33 18.63 20.15 4.98
N MET E 34 19.33 20.48 6.05
CA MET E 34 19.92 21.80 6.18
C MET E 34 21.41 21.71 6.50
N HIS E 35 22.15 22.68 5.96
CA HIS E 35 23.58 22.81 6.13
C HIS E 35 23.91 24.19 6.70
N TRP E 36 24.97 24.23 7.51
CA TRP E 36 25.66 25.46 7.85
C TRP E 36 27.04 25.40 7.23
N VAL E 37 27.38 26.44 6.47
CA VAL E 37 28.65 26.57 5.74
C VAL E 37 29.30 27.90 6.11
N ARG E 38 30.55 27.86 6.55
CA ARG E 38 31.23 29.09 6.94
C ARG E 38 32.20 29.57 5.86
N GLN E 39 32.45 30.87 5.86
CA GLN E 39 33.38 31.51 4.93
C GLN E 39 34.28 32.44 5.71
N ALA E 40 35.57 32.16 5.69
CA ALA E 40 36.58 33.03 6.29
C ALA E 40 36.64 34.34 5.50
N PRO E 41 37.04 35.50 6.17
CA PRO E 41 37.01 36.84 5.53
C PRO E 41 37.58 36.96 4.12
N GLU E 42 38.85 36.58 3.93
CA GLU E 42 39.49 36.63 2.63
C GLU E 42 40.00 35.23 2.26
N LYS E 43 39.21 34.20 2.56
CA LYS E 43 39.53 32.83 2.18
C LYS E 43 38.26 32.14 1.70
N GLY E 44 38.43 30.91 1.22
CA GLY E 44 37.35 30.10 0.71
C GLY E 44 36.28 29.70 1.70
N LEU E 45 35.25 29.00 1.23
CA LEU E 45 34.15 28.55 2.06
C LEU E 45 34.56 27.30 2.82
N GLU E 46 33.83 27.00 3.90
CA GLU E 46 34.08 25.78 4.68
C GLU E 46 32.75 25.24 5.22
N TRP E 47 32.57 23.93 5.15
CA TRP E 47 31.38 23.26 5.67
C TRP E 47 31.43 23.10 7.19
N VAL E 48 30.35 23.49 7.86
CA VAL E 48 30.29 23.41 9.32
C VAL E 48 29.46 22.22 9.79
N ALA E 49 28.20 22.12 9.34
CA ALA E 49 27.33 21.11 9.92
C ALA E 49 26.15 20.79 9.01
N TYR E 50 25.51 19.65 9.29
CA TYR E 50 24.35 19.16 8.57
C TYR E 50 23.35 18.50 9.51
N ILE E 51 22.07 18.77 9.28
CA ILE E 51 20.98 18.07 9.94
C ILE E 51 19.97 17.61 8.89
N SER E 52 19.66 16.32 8.90
CA SER E 52 18.69 15.77 7.97
C SER E 52 17.29 16.31 8.24
N SER E 53 16.42 16.12 7.25
CA SER E 53 14.99 16.33 7.46
C SER E 53 14.46 15.31 8.46
N GLY E 54 13.66 15.78 9.40
CA GLY E 54 13.21 14.95 10.51
C GLY E 54 14.22 14.72 11.61
N SER E 55 15.42 15.32 11.52
CA SER E 55 16.47 15.30 12.53
C SER E 55 17.04 13.91 12.80
N GLY E 56 16.93 12.99 11.83
CA GLY E 56 17.33 11.62 12.07
C GLY E 56 18.83 11.39 12.08
N THR E 57 19.58 12.14 11.29
CA THR E 57 21.04 12.06 11.30
C THR E 57 21.60 13.47 11.33
N ILE E 58 22.70 13.63 12.07
CA ILE E 58 23.34 14.92 12.26
C ILE E 58 24.85 14.72 12.10
N TYR E 59 25.49 15.61 11.33
CA TYR E 59 26.93 15.55 11.12
C TYR E 59 27.56 16.90 11.42
N TYR E 60 28.81 16.84 11.90
CA TYR E 60 29.58 18.02 12.24
C TYR E 60 31.00 17.85 11.73
N ALA E 61 31.64 18.97 11.37
CA ALA E 61 33.07 18.97 11.16
C ALA E 61 33.81 18.69 12.46
N ASP E 62 35.01 18.13 12.34
CA ASP E 62 35.75 17.74 13.54
C ASP E 62 36.30 18.95 14.31
N THR E 63 36.59 20.04 13.60
CA THR E 63 37.04 21.27 14.26
C THR E 63 35.94 21.90 15.11
N VAL E 64 34.67 21.63 14.78
CA VAL E 64 33.53 22.17 15.51
C VAL E 64 32.76 21.08 16.25
N LYS E 65 33.27 19.85 16.24
CA LYS E 65 32.63 18.74 16.95
C LYS E 65 32.58 19.00 18.45
N GLY E 66 31.38 18.88 19.02
CA GLY E 66 31.19 19.08 20.45
C GLY E 66 30.99 20.52 20.88
N ARG E 67 31.52 21.47 20.12
CA ARG E 67 31.35 22.88 20.44
C ARG E 67 30.05 23.45 19.88
N PHE E 68 29.64 23.02 18.70
CA PHE E 68 28.47 23.58 18.02
C PHE E 68 27.36 22.56 18.01
N THR E 69 26.12 23.02 18.22
CA THR E 69 24.96 22.16 18.24
C THR E 69 23.93 22.69 17.26
N ILE E 70 23.53 21.87 16.30
CA ILE E 70 22.55 22.24 15.30
C ILE E 70 21.19 21.65 15.70
N SER E 71 20.12 22.38 15.41
CA SER E 71 18.78 21.91 15.69
C SER E 71 17.81 22.60 14.74
N ARG E 72 16.61 22.05 14.64
CA ARG E 72 15.61 22.62 13.77
C ARG E 72 14.23 22.54 14.44
N ASP E 73 13.41 23.56 14.19
CA ASP E 73 12.01 23.57 14.61
C ASP E 73 11.17 23.72 13.35
N ASP E 74 10.55 22.61 12.94
CA ASP E 74 9.70 22.52 11.75
C ASP E 74 8.38 23.30 11.84
N PRO E 75 7.61 23.30 12.95
CA PRO E 75 6.39 24.14 12.97
C PRO E 75 6.64 25.64 12.84
N LYS E 76 7.82 26.14 13.20
CA LYS E 76 8.14 27.54 13.02
C LYS E 76 9.07 27.78 11.85
N ASN E 77 9.48 26.71 11.14
CA ASN E 77 10.35 26.76 9.96
C ASN E 77 11.67 27.48 10.23
N THR E 78 12.31 27.09 11.34
CA THR E 78 13.49 27.81 11.81
C THR E 78 14.62 26.82 12.09
N LEU E 79 15.84 27.21 11.71
CA LEU E 79 17.03 26.43 12.00
C LEU E 79 17.85 27.17 13.05
N PHE E 80 18.33 26.45 14.05
CA PHE E 80 19.09 27.04 15.16
C PHE E 80 20.49 26.45 15.20
N LEU E 81 21.47 27.30 15.48
CA LEU E 81 22.83 26.87 15.74
C LEU E 81 23.30 27.49 17.05
N GLN E 82 23.50 26.65 18.07
CA GLN E 82 24.03 27.09 19.36
C GLN E 82 25.53 26.87 19.38
N MET E 83 26.27 27.94 19.68
CA MET E 83 27.73 27.92 19.65
C MET E 83 28.26 28.26 21.02
N THR E 84 29.02 27.34 21.61
CA THR E 84 29.58 27.49 22.95
C THR E 84 31.10 27.42 22.83
N SER E 85 31.79 28.29 23.60
CA SER E 85 33.25 28.36 23.69
C SER E 85 33.88 28.72 22.34
N LEU E 86 33.43 29.85 21.80
CA LEU E 86 33.93 30.33 20.51
C LEU E 86 35.41 30.68 20.58
N ARG E 87 36.10 30.46 19.47
CA ARG E 87 37.53 30.72 19.35
C ARG E 87 37.75 31.68 18.19
N SER E 88 38.96 32.27 18.15
CA SER E 88 39.33 33.30 17.18
C SER E 88 39.31 32.85 15.72
N GLU E 89 39.16 31.55 15.44
CA GLU E 89 39.04 31.06 14.07
C GLU E 89 37.60 31.06 13.58
N ASP E 90 36.63 31.41 14.42
CA ASP E 90 35.22 31.41 14.06
C ASP E 90 34.71 32.76 13.55
N THR E 91 35.60 33.72 13.31
CA THR E 91 35.18 35.00 12.74
C THR E 91 34.92 34.83 11.25
N ALA E 92 33.69 34.42 10.93
CA ALA E 92 33.37 34.03 9.56
C ALA E 92 31.92 34.40 9.25
N MET E 93 31.59 34.38 7.96
CA MET E 93 30.21 34.54 7.52
C MET E 93 29.57 33.17 7.36
N TYR E 94 28.43 32.96 8.02
CA TYR E 94 27.79 31.66 8.06
C TYR E 94 26.54 31.68 7.17
N TYR E 95 26.48 30.74 6.23
CA TYR E 95 25.35 30.56 5.32
C TYR E 95 24.56 29.31 5.69
N CYS E 96 23.25 29.39 5.51
CA CYS E 96 22.35 28.26 5.62
C CYS E 96 22.01 27.75 4.23
N VAL E 97 21.95 26.42 4.08
CA VAL E 97 21.75 25.78 2.78
C VAL E 97 20.63 24.75 2.91
N ARG E 98 19.66 24.80 2.00
CA ARG E 98 18.65 23.76 1.91
C ARG E 98 19.08 22.72 0.87
N SER E 99 18.85 21.45 1.18
CA SER E 99 19.24 20.38 0.28
C SER E 99 18.28 19.21 0.41
N ILE E 100 17.80 18.70 -0.73
CA ILE E 100 16.92 17.54 -0.76
C ILE E 100 17.64 16.40 -1.47
N TYR E 101 17.48 15.18 -0.96
CA TYR E 101 18.23 14.04 -1.45
C TYR E 101 17.28 12.97 -1.97
N TYR E 102 17.28 12.77 -3.28
CA TYR E 102 16.61 11.66 -3.94
C TYR E 102 17.20 11.55 -5.34
N TYR E 103 16.78 10.51 -6.07
CA TYR E 103 17.25 10.29 -7.43
C TYR E 103 16.82 11.44 -8.35
N GLY E 104 17.79 12.21 -8.82
CA GLY E 104 17.52 13.35 -9.67
C GLY E 104 17.37 14.66 -8.95
N SER E 105 17.50 14.66 -7.63
CA SER E 105 17.36 15.89 -6.86
C SER E 105 18.55 16.82 -7.09
N SER E 106 18.34 18.10 -6.77
CA SER E 106 19.41 19.09 -6.83
C SER E 106 19.69 19.61 -5.42
N PRO E 107 20.56 18.96 -4.65
CA PRO E 107 20.92 19.48 -3.34
C PRO E 107 21.95 20.59 -3.49
N PHE E 108 21.98 21.46 -2.45
CA PHE E 108 22.79 22.69 -2.39
C PHE E 108 22.36 23.69 -3.46
N ASP E 109 21.09 23.62 -3.87
CA ASP E 109 20.60 24.49 -4.94
C ASP E 109 20.42 25.93 -4.46
N PHE E 110 19.90 26.13 -3.25
CA PHE E 110 19.59 27.44 -2.75
C PHE E 110 20.42 27.72 -1.50
N TRP E 111 21.03 28.90 -1.46
CA TRP E 111 21.92 29.32 -0.40
C TRP E 111 21.31 30.51 0.34
N GLY E 112 21.58 30.57 1.64
CA GLY E 112 21.15 31.69 2.44
C GLY E 112 21.93 32.96 2.15
N GLN E 113 21.73 33.96 3.00
CA GLN E 113 22.27 35.28 2.74
C GLN E 113 23.54 35.56 3.53
N GLY E 114 23.75 34.88 4.65
CA GLY E 114 25.00 35.02 5.37
C GLY E 114 24.93 35.93 6.57
N THR E 115 25.32 35.41 7.73
CA THR E 115 25.43 36.22 8.93
C THR E 115 26.90 36.28 9.35
N THR E 116 27.45 37.49 9.39
CA THR E 116 28.85 37.66 9.74
C THR E 116 29.02 37.66 11.27
N LEU E 117 29.96 36.87 11.76
CA LEU E 117 30.26 36.82 13.18
C LEU E 117 31.75 37.08 13.35
N THR E 118 32.08 38.07 14.19
CA THR E 118 33.46 38.47 14.44
C THR E 118 33.79 38.25 15.91
N VAL E 119 34.62 37.26 16.19
CA VAL E 119 35.04 36.97 17.57
C VAL E 119 36.27 37.83 17.84
N SER E 120 36.01 39.11 18.12
CA SER E 120 37.07 40.06 18.43
C SER E 120 37.77 39.68 19.73
N ALA E 121 39.10 39.77 19.72
CA ALA E 121 39.89 39.41 20.90
C ALA E 121 40.17 40.64 21.77
N GLY E 135 43.29 15.87 8.94
CA GLY E 135 42.25 15.16 8.21
C GLY E 135 42.76 14.43 7.00
N SER E 136 43.69 13.49 7.23
CA SER E 136 44.26 12.68 6.15
C SER E 136 43.20 11.81 5.49
N ALA E 137 42.31 11.21 6.29
CA ALA E 137 41.24 10.37 5.75
C ALA E 137 40.29 11.18 4.88
N ASP E 138 39.98 12.40 5.30
CA ASP E 138 39.06 13.27 4.57
C ASP E 138 39.65 13.63 3.20
N ILE E 139 38.77 13.60 2.18
CA ILE E 139 39.16 13.94 0.82
C ILE E 139 39.54 15.42 0.76
N VAL E 140 40.60 15.74 0.01
CA VAL E 140 41.07 17.10 -0.13
C VAL E 140 40.88 17.54 -1.57
N MET E 141 40.20 18.67 -1.77
CA MET E 141 39.96 19.21 -3.10
C MET E 141 41.07 20.21 -3.43
N THR E 142 41.71 20.01 -4.58
CA THR E 142 42.85 20.83 -5.00
C THR E 142 42.48 21.70 -6.19
N GLN E 143 42.27 23.00 -5.93
CA GLN E 143 42.22 24.01 -6.99
C GLN E 143 43.65 24.41 -7.32
N ALA E 144 44.15 23.97 -8.48
CA ALA E 144 45.56 24.19 -8.83
C ALA E 144 45.86 25.65 -9.09
N THR E 145 44.97 26.35 -9.78
CA THR E 145 45.14 27.78 -10.02
C THR E 145 44.43 28.59 -8.94
N SER E 146 44.71 29.89 -8.92
CA SER E 146 44.14 30.77 -7.91
C SER E 146 43.44 31.95 -8.56
N SER E 147 43.95 32.41 -9.70
CA SER E 147 43.33 33.50 -10.42
C SER E 147 43.64 33.34 -11.91
N VAL E 148 42.67 33.70 -12.75
CA VAL E 148 42.82 33.63 -14.21
C VAL E 148 42.27 34.92 -14.81
N PRO E 149 43.07 35.69 -15.55
CA PRO E 149 42.56 36.91 -16.19
C PRO E 149 41.89 36.58 -17.52
N VAL E 150 40.63 37.00 -17.67
CA VAL E 150 39.80 36.60 -18.80
C VAL E 150 39.15 37.84 -19.41
N THR E 151 38.80 37.72 -20.71
CA THR E 151 38.06 38.72 -21.46
C THR E 151 36.68 38.16 -21.85
N PRO E 152 35.62 39.00 -21.85
CA PRO E 152 34.29 38.53 -22.24
C PRO E 152 34.19 37.95 -23.65
N GLY E 153 33.93 36.65 -23.75
CA GLY E 153 33.70 36.03 -25.04
C GLY E 153 34.44 34.73 -25.25
N GLU E 154 35.65 34.64 -24.71
CA GLU E 154 36.47 33.44 -24.86
C GLU E 154 35.97 32.33 -23.93
N SER E 155 36.16 31.08 -24.39
CA SER E 155 35.82 29.93 -23.57
C SER E 155 36.95 29.67 -22.59
N VAL E 156 36.59 29.43 -21.32
CA VAL E 156 37.57 29.34 -20.24
C VAL E 156 37.41 27.99 -19.55
N SER E 157 38.53 27.36 -19.21
CA SER E 157 38.51 26.07 -18.52
C SER E 157 39.09 26.22 -17.12
N ILE E 158 38.45 25.55 -16.17
CA ILE E 158 38.88 25.53 -14.77
C ILE E 158 39.06 24.08 -14.37
N SER E 159 40.17 23.79 -13.67
CA SER E 159 40.53 22.44 -13.30
C SER E 159 40.43 22.24 -11.80
N CYS E 160 39.87 21.09 -11.41
CA CYS E 160 39.81 20.68 -10.00
C CYS E 160 40.29 19.24 -9.90
N ARG E 161 40.88 18.91 -8.75
CA ARG E 161 41.39 17.59 -8.48
C ARG E 161 40.95 17.13 -7.10
N SER E 162 40.94 15.81 -6.93
CA SER E 162 40.52 15.18 -5.69
C SER E 162 41.65 14.32 -5.13
N SER E 163 41.55 14.02 -3.83
CA SER E 163 42.48 13.09 -3.20
C SER E 163 42.00 11.65 -3.26
N LYS E 164 40.73 11.43 -3.60
CA LYS E 164 40.14 10.10 -3.70
C LYS E 164 39.21 10.08 -4.90
N SER E 165 39.15 8.93 -5.59
CA SER E 165 38.26 8.75 -6.72
C SER E 165 36.81 8.92 -6.29
N LEU E 166 36.14 9.92 -6.87
CA LEU E 166 34.76 10.22 -6.53
C LEU E 166 33.75 9.39 -7.32
N LEU E 167 34.20 8.36 -8.03
CA LEU E 167 33.30 7.51 -8.80
C LEU E 167 32.83 6.36 -7.91
N HIS E 168 31.54 6.37 -7.57
CA HIS E 168 30.95 5.36 -6.72
C HIS E 168 30.56 4.15 -7.59
N SER E 169 30.15 3.07 -6.92
CA SER E 169 29.72 1.85 -7.61
C SER E 169 28.50 2.10 -8.50
N ASN E 170 27.57 2.96 -8.06
CA ASN E 170 26.41 3.31 -8.88
C ASN E 170 26.80 3.99 -10.20
N GLY E 171 27.88 4.77 -10.17
CA GLY E 171 28.38 5.46 -11.34
C GLY E 171 28.07 6.94 -11.40
N ASN E 172 27.48 7.52 -10.36
CA ASN E 172 27.20 8.95 -10.32
C ASN E 172 28.32 9.64 -9.52
N THR E 173 29.08 10.49 -10.21
CA THR E 173 30.15 11.24 -9.55
C THR E 173 29.55 12.27 -8.61
N TYR E 174 30.16 12.42 -7.43
CA TYR E 174 29.67 13.34 -6.41
C TYR E 174 30.47 14.64 -6.39
N LEU E 175 30.57 15.32 -7.52
CA LEU E 175 31.25 16.62 -7.60
C LEU E 175 30.24 17.70 -7.94
N TYR E 176 30.29 18.81 -7.20
CA TYR E 176 29.40 19.94 -7.40
C TYR E 176 30.22 21.19 -7.70
N TRP E 177 29.75 21.99 -8.65
CA TRP E 177 30.38 23.24 -9.04
C TRP E 177 29.48 24.40 -8.64
N PHE E 178 30.05 25.34 -7.87
CA PHE E 178 29.38 26.50 -7.31
C PHE E 178 30.02 27.78 -7.82
N LEU E 179 29.22 28.83 -7.95
CA LEU E 179 29.68 30.16 -8.33
C LEU E 179 29.28 31.17 -7.26
N GLN E 180 30.27 31.87 -6.70
CA GLN E 180 30.04 32.97 -5.78
C GLN E 180 30.39 34.28 -6.49
N ARG E 181 29.38 35.09 -6.77
CA ARG E 181 29.62 36.42 -7.31
C ARG E 181 30.16 37.33 -6.20
N PRO E 182 30.94 38.36 -6.55
CA PRO E 182 31.45 39.30 -5.54
C PRO E 182 30.34 40.02 -4.79
N GLY E 183 30.34 39.86 -3.48
CA GLY E 183 29.36 40.50 -2.63
C GLY E 183 27.99 39.86 -2.63
N GLN E 184 27.87 38.64 -3.14
CA GLN E 184 26.60 37.94 -3.20
C GLN E 184 26.78 36.52 -2.68
N SER E 185 25.65 35.89 -2.35
CA SER E 185 25.64 34.48 -1.97
C SER E 185 26.09 33.61 -3.13
N PRO E 186 26.79 32.51 -2.85
CA PRO E 186 27.13 31.56 -3.91
C PRO E 186 25.91 30.79 -4.40
N GLN E 187 25.92 30.47 -5.69
CA GLN E 187 24.84 29.70 -6.29
C GLN E 187 25.37 28.39 -6.85
N LEU E 188 24.53 27.36 -6.81
CA LEU E 188 24.86 26.09 -7.45
C LEU E 188 24.86 26.24 -8.97
N LEU E 189 25.88 25.66 -9.61
CA LEU E 189 25.97 25.66 -11.07
C LEU E 189 25.74 24.27 -11.62
N ILE E 190 26.61 23.31 -11.27
CA ILE E 190 26.49 21.95 -11.77
C ILE E 190 26.42 20.98 -10.60
N TYR E 191 25.44 20.09 -10.61
CA TYR E 191 25.29 19.05 -9.61
C TYR E 191 25.55 17.70 -10.24
N ARG E 192 26.50 16.94 -9.67
CA ARG E 192 26.96 15.58 -10.01
C ARG E 192 27.89 15.53 -11.22
N MET E 193 28.33 16.68 -11.73
CA MET E 193 29.30 17.01 -12.82
C MET E 193 28.71 16.79 -14.21
N SER E 194 27.47 16.32 -14.31
CA SER E 194 26.84 16.08 -15.59
C SER E 194 25.49 16.75 -15.77
N ASN E 195 24.92 17.36 -14.73
CA ASN E 195 23.60 17.97 -14.80
C ASN E 195 23.67 19.42 -14.37
N LEU E 196 23.16 20.31 -15.22
CA LEU E 196 23.10 21.72 -14.90
C LEU E 196 21.98 22.01 -13.91
N ALA E 197 22.26 22.91 -12.98
CA ALA E 197 21.27 23.30 -11.97
C ALA E 197 20.19 24.16 -12.62
N SER E 198 18.93 23.86 -12.28
CA SER E 198 17.76 24.61 -12.77
C SER E 198 17.90 26.12 -12.56
N GLY E 199 17.92 26.85 -13.67
CA GLY E 199 18.10 28.28 -13.67
C GLY E 199 19.48 28.76 -14.06
N VAL E 200 20.38 27.85 -14.42
CA VAL E 200 21.73 28.20 -14.87
C VAL E 200 21.75 28.18 -16.39
N PRO E 201 22.32 29.19 -17.05
CA PRO E 201 22.47 29.15 -18.51
C PRO E 201 23.36 28.00 -18.97
N ASP E 202 23.22 27.66 -20.25
CA ASP E 202 23.91 26.54 -20.86
C ASP E 202 25.36 26.89 -21.25
N ARG E 203 25.89 28.02 -20.78
CA ARG E 203 27.29 28.35 -21.01
C ARG E 203 28.23 27.43 -20.26
N PHE E 204 27.79 26.92 -19.10
CA PHE E 204 28.63 26.08 -18.26
C PHE E 204 28.48 24.62 -18.66
N SER E 205 29.60 23.91 -18.70
CA SER E 205 29.55 22.46 -18.91
C SER E 205 30.62 21.80 -18.07
N GLY E 206 30.30 20.64 -17.52
CA GLY E 206 31.23 19.87 -16.69
C GLY E 206 31.68 18.61 -17.40
N SER E 207 32.97 18.29 -17.27
CA SER E 207 33.55 17.13 -17.92
C SER E 207 34.74 16.65 -17.10
N GLY E 208 35.25 15.48 -17.45
CA GLY E 208 36.41 14.93 -16.79
C GLY E 208 36.14 13.52 -16.32
N SER E 209 37.04 13.02 -15.48
CA SER E 209 36.96 11.69 -14.90
C SER E 209 37.46 11.75 -13.47
N GLY E 210 37.39 10.59 -12.79
CA GLY E 210 37.90 10.43 -11.43
C GLY E 210 39.29 10.99 -11.24
N THR E 211 39.43 11.92 -10.28
CA THR E 211 40.61 12.64 -9.78
C THR E 211 40.94 13.83 -10.71
N ALA E 212 40.23 14.02 -11.82
CA ALA E 212 40.57 15.15 -12.70
C ALA E 212 39.31 15.70 -13.36
N PHE E 213 38.96 16.94 -13.02
CA PHE E 213 37.66 17.48 -13.40
C PHE E 213 37.84 18.86 -14.01
N THR E 214 36.94 19.21 -14.93
CA THR E 214 37.08 20.42 -15.72
C THR E 214 35.71 21.06 -15.91
N LEU E 215 35.67 22.38 -15.71
CA LEU E 215 34.50 23.21 -16.00
C LEU E 215 34.85 24.10 -17.19
N THR E 216 34.05 24.00 -18.26
CA THR E 216 34.25 24.78 -19.47
C THR E 216 33.13 25.79 -19.60
N ILE E 217 33.50 27.07 -19.66
CA ILE E 217 32.57 28.17 -19.87
C ILE E 217 32.76 28.72 -21.28
N SER E 218 31.94 28.23 -22.22
CA SER E 218 31.96 28.73 -23.58
C SER E 218 31.10 29.99 -23.67
N ARG E 219 31.58 30.95 -24.48
CA ARG E 219 30.99 32.29 -24.70
C ARG E 219 30.71 33.01 -23.38
N LEU E 220 31.78 33.26 -22.63
CA LEU E 220 31.71 33.85 -21.30
C LEU E 220 31.24 35.31 -21.36
N GLU E 221 30.68 35.75 -20.24
CA GLU E 221 30.18 37.11 -20.07
C GLU E 221 30.79 37.68 -18.79
N ALA E 222 30.86 39.01 -18.71
CA ALA E 222 31.40 39.69 -17.54
C ALA E 222 30.62 39.37 -16.27
N GLU E 223 29.30 39.26 -16.39
CA GLU E 223 28.46 38.96 -15.23
C GLU E 223 28.77 37.58 -14.64
N ASP E 224 29.09 36.61 -15.50
CA ASP E 224 29.40 35.24 -15.09
C ASP E 224 30.60 35.16 -14.15
N VAL E 225 31.56 36.09 -14.30
CA VAL E 225 32.80 36.11 -13.53
C VAL E 225 32.56 36.10 -12.03
N GLY E 226 33.18 35.15 -11.35
CA GLY E 226 33.06 34.98 -9.91
C GLY E 226 34.02 33.92 -9.42
N VAL E 227 34.01 33.70 -8.11
CA VAL E 227 34.83 32.66 -7.50
C VAL E 227 34.15 31.31 -7.66
N TYR E 228 34.85 30.36 -8.30
CA TYR E 228 34.30 29.03 -8.59
C TYR E 228 34.82 28.01 -7.58
N TYR E 229 33.90 27.23 -7.01
CA TYR E 229 34.22 26.23 -6.00
C TYR E 229 33.84 24.84 -6.48
N CYS E 230 34.74 23.88 -6.28
CA CYS E 230 34.46 22.46 -6.51
C CYS E 230 34.32 21.75 -5.16
N MET E 231 33.23 20.99 -5.01
CA MET E 231 32.92 20.29 -3.77
C MET E 231 32.76 18.79 -4.04
N GLN E 232 33.35 17.97 -3.17
CA GLN E 232 33.04 16.56 -3.15
C GLN E 232 31.85 16.29 -2.23
N HIS E 233 31.07 15.27 -2.57
CA HIS E 233 29.97 14.86 -1.71
C HIS E 233 29.92 13.33 -1.64
N LEU E 234 31.08 12.70 -1.49
CA LEU E 234 31.13 11.25 -1.38
C LEU E 234 30.90 10.80 0.06
N GLU E 235 31.53 11.46 1.03
CA GLU E 235 31.42 11.09 2.42
C GLU E 235 31.67 12.29 3.30
N TYR E 236 31.09 12.27 4.50
CA TYR E 236 31.27 13.36 5.44
C TYR E 236 32.62 13.23 6.16
N PRO E 237 33.24 14.36 6.57
CA PRO E 237 32.85 15.76 6.39
C PRO E 237 33.11 16.29 4.99
N LEU E 238 32.21 17.15 4.51
CA LEU E 238 32.37 17.76 3.20
C LEU E 238 33.53 18.74 3.20
N THR E 239 34.37 18.65 2.17
CA THR E 239 35.55 19.49 2.03
C THR E 239 35.46 20.24 0.71
N PHE E 240 35.69 21.55 0.77
CA PHE E 240 35.58 22.40 -0.41
C PHE E 240 36.94 22.57 -1.08
N GLY E 241 36.93 23.26 -2.22
CA GLY E 241 38.17 23.61 -2.90
C GLY E 241 38.66 24.99 -2.49
N ALA E 242 39.86 25.32 -2.99
CA ALA E 242 40.46 26.61 -2.67
C ALA E 242 39.66 27.76 -3.28
N GLY E 243 39.24 27.64 -4.53
CA GLY E 243 38.44 28.65 -5.16
C GLY E 243 39.14 29.42 -6.27
N THR E 244 38.81 29.12 -7.52
CA THR E 244 39.41 29.80 -8.65
C THR E 244 38.66 31.10 -8.93
N LYS E 245 39.37 32.22 -8.88
CA LYS E 245 38.79 33.53 -9.14
C LYS E 245 39.04 33.92 -10.58
N LEU E 246 38.03 34.54 -11.20
CA LEU E 246 38.17 35.18 -12.49
C LEU E 246 38.14 36.69 -12.31
N GLU E 247 38.75 37.40 -13.26
CA GLU E 247 38.84 38.86 -13.17
C GLU E 247 38.93 39.43 -14.57
N LEU E 248 38.89 40.76 -14.64
CA LEU E 248 38.86 41.45 -15.92
C LEU E 248 40.00 42.45 -16.02
#